data_7POQ
#
_entry.id   7POQ
#
_cell.length_a   83.83
_cell.length_b   83.83
_cell.length_c   266.32
_cell.angle_alpha   90
_cell.angle_beta   90
_cell.angle_gamma   90
#
_symmetry.space_group_name_H-M   'P 41 21 2'
#
loop_
_entity.id
_entity.type
_entity.pdbx_description
1 polymer BFT-3
2 non-polymer 'ZINC ION'
3 non-polymer foliosidine
4 non-polymer 'CHLORIDE ION'
5 non-polymer 'DIMETHYL SULFOXIDE'
6 non-polymer PROLINE
7 non-polymer DI(HYDROXYETHYL)ETHER
8 non-polymer 1,2-ETHANEDIOL
9 non-polymer 'TRIETHYLENE GLYCOL'
10 water water
#
_entity_poly.entity_id   1
_entity_poly.type   'polypeptide(L)'
_entity_poly.pdbx_seq_one_letter_code
;MGSSHHHHHHSSGENLYFQGAMACSNEADSLTTSIDAPVTASIDLQSVSYTDLATQLNDVSDFGKMIILKDNGFNRQVHV
SMDKRTKIQLDNENVRLFNGRDKDSTNFILGDEFAVLRFYRNGESISYIAYKEAQMMNEIAEFYAAPFKKTRAINEKEAF
ECIYDSRTRSAGKYPVSVKINVDKAKKILNLPECDYINDYIKTPQVPHGITESQTRAVPSEPKTVYVICLRENGSTVYPN
EVSAQMQDAANSVYAVHGLKRYVNLHFVLYTTEYACPSGNADEGLDGFTASLKANPKAEGYDDQIYFLIRWGTWDNNILG
ISWLNSYNVNTASDFKASGMSTTQLMYPGVMAHELGHILGANHADDPKDLMYSKYTGYLFHLSEKNMDIIAKNLGWEIAD
GD
;
_entity_poly.pdbx_strand_id   A,B
#
loop_
_chem_comp.id
_chem_comp.type
_chem_comp.name
_chem_comp.formula
7WK non-polymer foliosidine 'C16 H21 N O5'
CL non-polymer 'CHLORIDE ION' 'Cl -1'
DMS non-polymer 'DIMETHYL SULFOXIDE' 'C2 H6 O S'
EDO non-polymer 1,2-ETHANEDIOL 'C2 H6 O2'
PEG non-polymer DI(HYDROXYETHYL)ETHER 'C4 H10 O3'
PGE non-polymer 'TRIETHYLENE GLYCOL' 'C6 H14 O4'
ZN non-polymer 'ZINC ION' 'Zn 2'
#
# COMPACT_ATOMS: atom_id res chain seq x y z
N VAL A 39 -14.65 21.57 10.22
CA VAL A 39 -13.43 22.14 9.66
C VAL A 39 -12.85 21.23 8.57
N THR A 40 -12.64 21.78 7.38
CA THR A 40 -12.07 21.03 6.28
C THR A 40 -10.61 20.70 6.59
N ALA A 41 -10.18 19.49 6.21
CA ALA A 41 -8.81 19.01 6.36
C ALA A 41 -7.84 19.91 5.60
N SER A 42 -6.62 20.09 6.11
CA SER A 42 -5.68 20.97 5.43
C SER A 42 -4.23 20.52 5.51
N ILE A 43 -3.44 21.02 4.56
CA ILE A 43 -2.00 20.81 4.46
C ILE A 43 -1.34 22.18 4.47
N ASP A 44 -0.52 22.45 5.48
CA ASP A 44 0.19 23.71 5.59
C ASP A 44 1.50 23.59 4.85
N LEU A 45 1.63 24.25 3.71
CA LEU A 45 2.84 24.15 2.89
C LEU A 45 4.08 24.81 3.51
N GLN A 46 3.91 25.60 4.58
CA GLN A 46 5.07 26.15 5.29
C GLN A 46 5.68 25.13 6.28
N SER A 47 5.02 23.98 6.53
CA SER A 47 5.54 23.01 7.49
C SER A 47 5.21 21.56 7.11
N VAL A 48 4.75 21.31 5.88
CA VAL A 48 4.29 20.00 5.45
C VAL A 48 5.36 18.90 5.61
N SER A 49 4.99 17.83 6.30
CA SER A 49 5.85 16.69 6.57
C SER A 49 5.31 15.43 5.90
N TYR A 50 6.06 14.31 5.98
CA TYR A 50 5.56 13.05 5.45
C TYR A 50 4.30 12.64 6.22
N THR A 51 4.34 12.77 7.56
N THR A 51 4.32 12.75 7.56
CA THR A 51 3.22 12.37 8.40
CA THR A 51 3.17 12.33 8.37
C THR A 51 1.96 13.18 8.05
C THR A 51 1.93 13.19 8.09
N ASP A 52 2.11 14.48 7.77
CA ASP A 52 0.97 15.34 7.39
C ASP A 52 0.31 14.82 6.12
N LEU A 53 1.12 14.53 5.07
CA LEU A 53 0.61 14.06 3.78
C LEU A 53 0.02 12.65 3.91
N ALA A 54 0.71 11.75 4.61
CA ALA A 54 0.22 10.39 4.79
C ALA A 54 -1.10 10.38 5.55
N THR A 55 -1.24 11.14 6.65
CA THR A 55 -2.48 11.10 7.42
CA THR A 55 -2.47 11.17 7.44
C THR A 55 -3.67 11.60 6.60
N GLN A 56 -3.46 12.61 5.77
CA GLN A 56 -4.53 13.13 4.93
C GLN A 56 -4.85 12.19 3.78
N LEU A 57 -3.84 11.74 3.05
CA LEU A 57 -4.08 10.84 1.91
C LEU A 57 -4.60 9.47 2.32
N ASN A 58 -4.14 8.94 3.46
CA ASN A 58 -4.66 7.67 3.96
C ASN A 58 -6.13 7.77 4.39
N ASP A 59 -6.65 9.00 4.61
CA ASP A 59 -8.05 9.19 4.95
C ASP A 59 -8.96 9.32 3.69
N VAL A 60 -8.37 9.35 2.49
CA VAL A 60 -9.15 9.49 1.27
C VAL A 60 -9.90 8.20 0.99
N SER A 61 -11.22 8.25 1.04
CA SER A 61 -12.07 7.09 0.77
C SER A 61 -12.46 7.06 -0.72
N ASP A 62 -13.31 6.07 -1.12
CA ASP A 62 -13.84 5.91 -2.47
C ASP A 62 -14.54 7.16 -2.98
N PHE A 63 -15.17 7.92 -2.09
CA PHE A 63 -15.91 9.10 -2.47
C PHE A 63 -15.05 10.37 -2.57
N GLY A 64 -13.77 10.29 -2.23
CA GLY A 64 -12.90 11.46 -2.30
C GLY A 64 -12.97 12.33 -1.07
N LYS A 65 -12.05 13.27 -0.95
CA LYS A 65 -11.95 14.10 0.24
C LYS A 65 -11.50 15.51 -0.12
N MET A 66 -12.13 16.54 0.46
CA MET A 66 -11.68 17.91 0.27
C MET A 66 -10.49 18.15 1.16
N ILE A 67 -9.41 18.69 0.60
CA ILE A 67 -8.23 19.03 1.36
C ILE A 67 -7.83 20.46 0.93
N ILE A 68 -7.58 21.32 1.90
CA ILE A 68 -7.15 22.68 1.61
C ILE A 68 -5.64 22.77 1.65
N LEU A 69 -5.02 23.23 0.58
CA LEU A 69 -3.59 23.48 0.54
C LEU A 69 -3.41 24.90 1.03
N LYS A 70 -2.67 25.12 2.12
CA LYS A 70 -2.49 26.45 2.69
C LYS A 70 -1.10 26.96 2.40
N ASP A 71 -1.00 28.16 1.83
CA ASP A 71 0.29 28.74 1.48
C ASP A 71 0.30 30.26 1.71
N ASN A 72 1.05 30.72 2.73
CA ASN A 72 1.20 32.14 3.11
C ASN A 72 -0.12 32.91 3.10
N GLY A 73 -1.14 32.36 3.74
CA GLY A 73 -2.43 33.02 3.84
C GLY A 73 -3.36 32.84 2.65
N PHE A 74 -2.92 32.12 1.62
CA PHE A 74 -3.73 31.82 0.44
C PHE A 74 -4.03 30.33 0.40
N ASN A 75 -5.28 29.94 0.19
CA ASN A 75 -5.67 28.54 0.22
C ASN A 75 -6.21 28.00 -1.12
N ARG A 76 -5.97 26.72 -1.42
CA ARG A 76 -6.54 26.09 -2.59
C ARG A 76 -7.27 24.86 -2.13
N GLN A 77 -8.56 24.80 -2.38
CA GLN A 77 -9.36 23.64 -2.02
C GLN A 77 -9.29 22.63 -3.15
N VAL A 78 -8.81 21.43 -2.83
CA VAL A 78 -8.66 20.37 -3.82
C VAL A 78 -9.54 19.17 -3.43
N HIS A 79 -10.26 18.59 -4.39
CA HIS A 79 -11.04 17.39 -4.08
C HIS A 79 -10.17 16.21 -4.50
N VAL A 80 -9.66 15.49 -3.54
CA VAL A 80 -8.70 14.42 -3.77
C VAL A 80 -9.37 13.08 -3.86
N SER A 81 -8.95 12.30 -4.84
CA SER A 81 -9.45 10.95 -5.04
CA SER A 81 -9.45 10.95 -5.04
C SER A 81 -8.30 9.98 -5.23
N MET A 82 -8.51 8.72 -4.81
CA MET A 82 -7.55 7.67 -5.04
C MET A 82 -7.50 7.40 -6.55
N ASP A 83 -6.32 7.23 -7.11
CA ASP A 83 -6.19 6.85 -8.52
C ASP A 83 -6.29 5.33 -8.55
N LYS A 84 -7.42 4.82 -9.03
CA LYS A 84 -7.63 3.37 -9.08
C LYS A 84 -7.18 2.76 -10.42
N ARG A 85 -6.62 3.56 -11.33
CA ARG A 85 -6.24 3.06 -12.65
C ARG A 85 -4.83 2.51 -12.67
N THR A 86 -3.93 3.07 -11.87
CA THR A 86 -2.53 2.69 -11.91
C THR A 86 -2.05 2.06 -10.64
N LYS A 87 -1.27 1.03 -10.80
CA LYS A 87 -0.62 0.36 -9.68
CA LYS A 87 -0.63 0.35 -9.68
C LYS A 87 0.87 0.55 -9.82
N ILE A 88 1.57 0.72 -8.71
CA ILE A 88 3.02 0.88 -8.74
C ILE A 88 3.66 0.11 -7.61
N GLN A 89 4.69 -0.68 -7.93
CA GLN A 89 5.59 -1.19 -6.91
C GLN A 89 7.00 -0.75 -7.27
N LEU A 90 7.77 -0.28 -6.29
CA LEU A 90 9.19 0.04 -6.48
C LEU A 90 9.96 -0.93 -5.64
N ASP A 91 10.56 -1.97 -6.23
CA ASP A 91 11.27 -3.01 -5.47
C ASP A 91 10.28 -3.67 -4.45
N ASN A 92 9.03 -3.90 -4.93
CA ASN A 92 7.92 -4.48 -4.18
C ASN A 92 7.30 -3.53 -3.13
N GLU A 93 7.73 -2.27 -3.07
CA GLU A 93 7.15 -1.30 -2.14
C GLU A 93 5.97 -0.67 -2.84
N ASN A 94 4.78 -0.74 -2.25
CA ASN A 94 3.58 -0.24 -2.89
C ASN A 94 3.49 1.29 -2.86
N VAL A 95 3.19 1.85 -4.03
CA VAL A 95 3.09 3.30 -4.17
C VAL A 95 1.71 3.64 -4.74
N ARG A 96 0.97 4.47 -4.02
CA ARG A 96 -0.37 4.85 -4.41
C ARG A 96 -0.40 6.27 -4.96
N LEU A 97 -1.24 6.49 -5.97
CA LEU A 97 -1.40 7.79 -6.59
C LEU A 97 -2.76 8.39 -6.25
N PHE A 98 -2.81 9.72 -6.20
CA PHE A 98 -4.01 10.48 -5.89
C PHE A 98 -4.14 11.64 -6.85
N ASN A 99 -5.37 11.95 -7.21
CA ASN A 99 -5.65 13.02 -8.14
C ASN A 99 -6.56 14.05 -7.54
N GLY A 100 -6.42 15.29 -8.00
CA GLY A 100 -7.42 16.29 -7.72
C GLY A 100 -8.41 16.26 -8.87
N ARG A 101 -9.39 17.14 -8.87
CA ARG A 101 -10.26 17.34 -10.03
C ARG A 101 -9.39 17.95 -11.16
N ASP A 102 -9.83 17.88 -12.43
CA ASP A 102 -9.05 18.46 -13.53
C ASP A 102 -8.70 19.94 -13.27
N LYS A 103 -9.65 20.72 -12.75
CA LYS A 103 -9.44 22.15 -12.45
C LYS A 103 -8.46 22.40 -11.30
N ASP A 104 -8.19 21.38 -10.46
CA ASP A 104 -7.30 21.52 -9.31
C ASP A 104 -5.82 21.48 -9.72
N SER A 105 -5.48 20.89 -10.88
CA SER A 105 -4.11 20.69 -11.41
C SER A 105 -3.15 20.21 -10.30
N THR A 106 -3.59 19.17 -9.55
CA THR A 106 -2.90 18.66 -8.39
C THR A 106 -2.88 17.14 -8.40
N ASN A 107 -1.73 16.56 -8.07
CA ASN A 107 -1.60 15.10 -7.93
C ASN A 107 -0.74 14.82 -6.73
N PHE A 108 -0.89 13.64 -6.15
CA PHE A 108 -0.08 13.20 -5.04
C PHE A 108 0.43 11.81 -5.29
N ILE A 109 1.50 11.48 -4.60
CA ILE A 109 2.11 10.16 -4.58
C ILE A 109 2.32 9.79 -3.14
N LEU A 110 2.03 8.54 -2.77
CA LEU A 110 2.25 8.11 -1.41
C LEU A 110 2.82 6.73 -1.36
N GLY A 111 3.98 6.64 -0.74
CA GLY A 111 4.60 5.36 -0.40
C GLY A 111 4.77 5.30 1.10
N ASP A 112 5.19 4.14 1.63
CA ASP A 112 5.52 4.05 3.05
C ASP A 112 6.70 5.00 3.40
N GLU A 113 7.63 5.19 2.45
CA GLU A 113 8.85 5.94 2.72
C GLU A 113 8.81 7.40 2.32
N PHE A 114 7.88 7.78 1.46
CA PHE A 114 7.86 9.16 0.96
C PHE A 114 6.47 9.54 0.47
N ALA A 115 6.26 10.84 0.32
CA ALA A 115 5.03 11.38 -0.22
C ALA A 115 5.38 12.60 -1.07
N VAL A 116 4.57 12.83 -2.10
CA VAL A 116 4.76 13.95 -3.00
C VAL A 116 3.44 14.64 -3.21
N LEU A 117 3.47 15.95 -3.22
CA LEU A 117 2.38 16.81 -3.64
C LEU A 117 2.94 17.57 -4.82
N ARG A 118 2.26 17.52 -5.96
CA ARG A 118 2.72 18.26 -7.13
C ARG A 118 1.54 19.05 -7.71
N PHE A 119 1.72 20.35 -7.89
CA PHE A 119 0.66 21.20 -8.46
C PHE A 119 1.29 22.30 -9.33
N TYR A 120 0.47 22.99 -10.11
CA TYR A 120 0.98 24.04 -10.98
C TYR A 120 0.60 25.43 -10.52
N ARG A 121 1.52 26.37 -10.74
CA ARG A 121 1.31 27.79 -10.45
C ARG A 121 1.91 28.61 -11.57
N ASN A 122 1.09 29.39 -12.32
CA ASN A 122 1.56 30.16 -13.48
C ASN A 122 2.27 29.23 -14.50
N GLY A 123 1.69 28.05 -14.71
CA GLY A 123 2.24 27.04 -15.61
C GLY A 123 3.48 26.29 -15.12
N GLU A 124 4.00 26.62 -13.93
CA GLU A 124 5.19 26.01 -13.39
C GLU A 124 4.85 24.88 -12.43
N SER A 125 5.66 23.82 -12.50
CA SER A 125 5.48 22.61 -11.72
C SER A 125 6.16 22.71 -10.38
N ILE A 126 5.38 22.67 -9.32
CA ILE A 126 5.90 22.78 -7.97
C ILE A 126 5.70 21.49 -7.24
N SER A 127 6.78 20.93 -6.71
CA SER A 127 6.70 19.70 -5.97
C SER A 127 7.09 19.88 -4.52
N TYR A 128 6.32 19.26 -3.61
CA TYR A 128 6.65 19.15 -2.20
C TYR A 128 6.98 17.70 -2.00
N ILE A 129 8.22 17.41 -1.60
CA ILE A 129 8.71 16.03 -1.46
C ILE A 129 9.09 15.77 -0.02
N ALA A 130 8.45 14.78 0.60
CA ALA A 130 8.67 14.52 2.01
C ALA A 130 8.99 13.07 2.25
N TYR A 131 10.11 12.78 2.87
CA TYR A 131 10.48 11.40 3.19
C TYR A 131 10.21 11.16 4.68
N LYS A 132 9.73 9.97 5.00
CA LYS A 132 9.38 9.62 6.37
C LYS A 132 10.57 9.59 7.32
N GLU A 133 11.64 8.87 6.96
CA GLU A 133 12.78 8.71 7.84
C GLU A 133 13.64 9.96 7.86
N ALA A 134 14.06 10.39 9.05
CA ALA A 134 14.89 11.59 9.21
C ALA A 134 16.18 11.51 8.40
N GLN A 135 16.90 10.37 8.45
CA GLN A 135 18.15 10.21 7.68
C GLN A 135 17.89 10.41 6.19
N MET A 136 16.83 9.78 5.66
CA MET A 136 16.57 9.85 4.23
C MET A 136 16.08 11.25 3.85
N MET A 137 15.26 11.89 4.69
CA MET A 137 14.79 13.25 4.44
C MET A 137 15.98 14.21 4.40
N ASN A 138 16.93 14.04 5.32
CA ASN A 138 18.13 14.87 5.39
C ASN A 138 18.97 14.64 4.12
N GLU A 139 19.11 13.38 3.70
CA GLU A 139 19.88 13.02 2.50
C GLU A 139 19.22 13.66 1.25
N ILE A 140 17.90 13.55 1.13
CA ILE A 140 17.14 14.09 0.01
C ILE A 140 17.27 15.61 -0.02
N ALA A 141 17.14 16.27 1.14
CA ALA A 141 17.26 17.72 1.21
C ALA A 141 18.65 18.17 0.76
N GLU A 142 19.70 17.45 1.18
CA GLU A 142 21.07 17.78 0.78
C GLU A 142 21.29 17.55 -0.71
N PHE A 143 20.73 16.46 -1.24
CA PHE A 143 20.81 16.10 -2.65
C PHE A 143 20.19 17.20 -3.53
N TYR A 144 18.99 17.68 -3.17
CA TYR A 144 18.33 18.72 -3.95
C TYR A 144 18.98 20.09 -3.75
N ALA A 145 19.53 20.36 -2.56
CA ALA A 145 20.16 21.66 -2.28
C ALA A 145 21.51 21.80 -2.94
N ALA A 146 22.27 20.70 -3.06
CA ALA A 146 23.66 20.75 -3.57
C ALA A 146 23.85 21.50 -4.90
N PRO A 147 23.04 21.31 -5.98
CA PRO A 147 23.30 22.08 -7.22
C PRO A 147 23.21 23.59 -7.03
N PHE A 148 22.40 24.05 -6.06
CA PHE A 148 22.23 25.48 -5.80
C PHE A 148 23.36 26.09 -4.95
N LYS A 149 24.09 25.26 -4.18
CA LYS A 149 25.17 25.76 -3.33
C LYS A 149 26.40 26.19 -4.14
N LYS A 150 26.61 25.56 -5.33
CA LYS A 150 27.71 25.91 -6.25
C LYS A 150 27.59 27.39 -6.64
N THR A 151 26.38 27.79 -7.04
CA THR A 151 26.03 29.16 -7.37
C THR A 151 25.33 29.81 -6.12
N ARG A 152 24.98 31.10 -6.20
CA ARG A 152 24.28 31.75 -5.09
C ARG A 152 23.21 32.67 -5.66
N ALA A 153 22.04 32.10 -5.96
CA ALA A 153 20.95 32.87 -6.54
C ALA A 153 20.25 33.74 -5.52
N ILE A 154 19.88 34.96 -5.95
CA ILE A 154 19.14 35.90 -5.12
C ILE A 154 17.68 35.43 -4.93
N ASN A 155 17.14 34.67 -5.90
CA ASN A 155 15.79 34.14 -5.92
C ASN A 155 15.78 32.61 -5.70
N GLU A 156 16.72 32.09 -4.91
CA GLU A 156 16.82 30.67 -4.69
C GLU A 156 15.56 30.07 -4.04
N LYS A 157 14.96 30.73 -3.03
CA LYS A 157 13.80 30.16 -2.32
C LYS A 157 12.57 29.87 -3.20
N GLU A 158 12.32 30.66 -4.25
CA GLU A 158 11.17 30.38 -5.14
C GLU A 158 11.43 29.14 -6.02
N ALA A 159 12.70 28.76 -6.22
CA ALA A 159 13.07 27.58 -6.97
C ALA A 159 13.26 26.37 -6.06
N PHE A 160 13.86 26.58 -4.87
CA PHE A 160 14.15 25.50 -3.95
C PHE A 160 14.09 25.97 -2.51
N GLU A 161 13.39 25.21 -1.65
CA GLU A 161 13.33 25.57 -0.25
C GLU A 161 13.21 24.36 0.64
N CYS A 162 14.03 24.31 1.68
CA CYS A 162 13.90 23.29 2.72
C CYS A 162 12.79 23.74 3.62
N ILE A 163 11.83 22.87 3.88
CA ILE A 163 10.69 23.19 4.73
C ILE A 163 10.94 22.60 6.11
N TYR A 164 10.67 23.36 7.17
CA TYR A 164 10.87 22.91 8.55
C TYR A 164 9.54 22.91 9.32
N ASP A 165 9.44 22.12 10.40
CA ASP A 165 8.19 22.09 11.18
C ASP A 165 7.99 23.42 11.92
N SER A 166 6.73 23.82 12.14
CA SER A 166 6.39 25.11 12.77
C SER A 166 6.76 25.19 14.26
N LYS A 173 17.08 22.28 13.96
CA LYS A 173 15.95 21.68 13.26
C LYS A 173 16.37 21.05 11.92
N TYR A 174 15.74 19.93 11.59
CA TYR A 174 15.98 19.21 10.35
C TYR A 174 14.76 19.34 9.43
N PRO A 175 14.97 19.38 8.11
CA PRO A 175 13.84 19.55 7.19
C PRO A 175 12.81 18.44 7.30
N VAL A 176 11.53 18.78 7.09
CA VAL A 176 10.44 17.80 7.03
C VAL A 176 10.00 17.56 5.56
N SER A 177 10.40 18.44 4.63
CA SER A 177 10.14 18.30 3.21
C SER A 177 10.99 19.31 2.45
N VAL A 178 10.97 19.23 1.12
CA VAL A 178 11.58 20.21 0.25
C VAL A 178 10.55 20.64 -0.76
N LYS A 179 10.60 21.89 -1.12
CA LYS A 179 9.77 22.48 -2.16
C LYS A 179 10.68 22.76 -3.34
N ILE A 180 10.35 22.24 -4.51
CA ILE A 180 11.12 22.50 -5.71
C ILE A 180 10.19 22.95 -6.84
N ASN A 181 10.46 24.13 -7.39
CA ASN A 181 9.78 24.60 -8.58
C ASN A 181 10.76 24.27 -9.69
N VAL A 182 10.54 23.18 -10.45
CA VAL A 182 11.53 22.74 -11.42
C VAL A 182 11.72 23.75 -12.56
N ASP A 183 10.68 24.51 -12.94
CA ASP A 183 10.85 25.51 -13.99
C ASP A 183 11.77 26.63 -13.52
N LYS A 184 11.58 27.11 -12.27
CA LYS A 184 12.46 28.16 -11.75
C LYS A 184 13.86 27.61 -11.50
N ALA A 185 13.97 26.35 -11.03
CA ALA A 185 15.26 25.70 -10.73
C ALA A 185 16.11 25.57 -11.99
N LYS A 186 15.49 25.20 -13.12
CA LYS A 186 16.22 25.06 -14.37
C LYS A 186 16.76 26.40 -14.87
N LYS A 187 16.09 27.53 -14.57
CA LYS A 187 16.58 28.84 -14.97
C LYS A 187 17.77 29.28 -14.10
N ILE A 188 17.77 28.92 -12.80
CA ILE A 188 18.85 29.27 -11.90
C ILE A 188 20.09 28.41 -12.17
N LEU A 189 19.88 27.10 -12.32
CA LEU A 189 20.97 26.17 -12.52
C LEU A 189 21.57 26.23 -13.93
N ASN A 190 20.87 26.86 -14.91
CA ASN A 190 21.33 27.04 -16.29
C ASN A 190 21.81 25.71 -16.90
N LEU A 191 21.03 24.62 -16.69
CA LEU A 191 21.34 23.28 -17.16
C LEU A 191 21.50 23.21 -18.68
N PRO A 192 22.34 22.28 -19.22
CA PRO A 192 22.41 22.13 -20.68
C PRO A 192 21.06 21.70 -21.23
N GLU A 193 20.66 22.25 -22.38
CA GLU A 193 19.34 21.94 -22.95
C GLU A 193 19.27 20.50 -23.44
N CYS A 194 18.78 19.60 -22.57
CA CYS A 194 18.58 18.18 -22.87
C CYS A 194 17.31 18.07 -23.69
N ASP A 195 17.34 17.39 -24.85
CA ASP A 195 16.17 17.33 -25.71
C ASP A 195 15.83 15.89 -26.21
N TYR A 196 14.82 15.77 -27.12
CA TYR A 196 14.32 14.52 -27.70
C TYR A 196 14.63 14.37 -29.20
N ILE A 197 15.60 15.12 -29.72
CA ILE A 197 15.93 15.17 -31.14
C ILE A 197 15.71 13.78 -31.91
N ASN A 198 16.61 12.79 -31.81
CA ASN A 198 16.41 11.49 -32.48
C ASN A 198 16.18 10.43 -31.41
N ASP A 199 15.21 10.67 -30.52
CA ASP A 199 14.97 9.77 -29.39
C ASP A 199 14.06 8.58 -29.71
N TYR A 200 14.07 8.10 -30.95
CA TYR A 200 13.26 6.92 -31.30
C TYR A 200 13.94 6.13 -32.40
N ILE A 201 13.68 4.82 -32.42
CA ILE A 201 14.20 3.95 -33.46
C ILE A 201 13.03 3.25 -34.11
N LYS A 202 12.96 3.30 -35.44
CA LYS A 202 11.86 2.66 -36.17
C LYS A 202 12.12 1.17 -36.34
N THR A 203 11.05 0.36 -36.26
CA THR A 203 11.10 -1.08 -36.48
C THR A 203 9.70 -1.54 -36.90
N VAL A 218 -14.89 -2.58 -27.12
CA VAL A 218 -15.15 -2.00 -25.79
C VAL A 218 -15.15 -3.11 -24.72
N PRO A 219 -14.02 -3.30 -24.03
CA PRO A 219 -13.98 -4.36 -23.00
C PRO A 219 -14.64 -3.91 -21.69
N SER A 220 -15.31 -4.85 -20.98
CA SER A 220 -15.92 -4.51 -19.69
C SER A 220 -14.85 -4.27 -18.60
N GLU A 221 -13.72 -4.95 -18.72
CA GLU A 221 -12.63 -4.79 -17.78
C GLU A 221 -11.40 -4.32 -18.55
N PRO A 222 -10.75 -3.23 -18.09
CA PRO A 222 -9.53 -2.79 -18.80
C PRO A 222 -8.46 -3.87 -18.76
N LYS A 223 -7.63 -3.91 -19.80
CA LYS A 223 -6.52 -4.83 -19.87
C LYS A 223 -5.39 -4.32 -18.99
N THR A 224 -4.81 -5.18 -18.16
CA THR A 224 -3.67 -4.79 -17.35
C THR A 224 -2.43 -4.89 -18.20
N VAL A 225 -1.67 -3.81 -18.29
CA VAL A 225 -0.40 -3.82 -19.00
C VAL A 225 0.66 -3.44 -18.03
N TYR A 226 1.65 -4.33 -17.82
CA TYR A 226 2.76 -4.00 -16.95
C TYR A 226 3.78 -3.16 -17.67
N VAL A 227 4.29 -2.17 -16.96
CA VAL A 227 5.40 -1.34 -17.41
C VAL A 227 6.53 -1.69 -16.46
N ILE A 228 7.41 -2.57 -16.93
CA ILE A 228 8.49 -3.13 -16.14
C ILE A 228 9.69 -2.23 -16.29
N CYS A 229 9.97 -1.48 -15.23
CA CYS A 229 11.09 -0.57 -15.19
C CYS A 229 12.23 -1.25 -14.51
N LEU A 230 13.42 -1.08 -15.08
CA LEU A 230 14.60 -1.75 -14.59
C LEU A 230 15.66 -0.73 -14.32
N ARG A 231 16.06 -0.66 -13.07
CA ARG A 231 17.13 0.21 -12.62
C ARG A 231 18.42 -0.30 -13.23
N GLU A 232 19.04 0.51 -14.09
CA GLU A 232 20.28 0.15 -14.74
C GLU A 232 21.37 -0.20 -13.72
N ASN A 233 22.20 -1.19 -14.03
CA ASN A 233 23.28 -1.63 -13.15
C ASN A 233 24.20 -0.44 -12.82
N GLY A 234 24.36 -0.16 -11.54
CA GLY A 234 25.20 0.94 -11.07
C GLY A 234 24.49 2.27 -10.96
N SER A 235 23.19 2.33 -11.33
CA SER A 235 22.42 3.56 -11.24
CA SER A 235 22.44 3.56 -11.25
C SER A 235 21.72 3.67 -9.91
N THR A 236 21.57 4.88 -9.42
CA THR A 236 20.85 5.19 -8.21
C THR A 236 19.69 6.07 -8.61
N VAL A 237 18.47 5.66 -8.28
CA VAL A 237 17.29 6.47 -8.58
C VAL A 237 16.56 6.73 -7.24
N TYR A 238 15.76 7.78 -7.21
CA TYR A 238 15.01 8.16 -5.99
CA TYR A 238 15.10 8.20 -5.99
C TYR A 238 13.57 7.86 -6.17
N PRO A 239 12.92 7.22 -5.19
CA PRO A 239 11.52 6.79 -5.38
C PRO A 239 10.56 7.90 -5.74
N ASN A 240 10.71 9.11 -5.16
CA ASN A 240 9.82 10.23 -5.53
C ASN A 240 9.97 10.57 -7.02
N GLU A 241 11.19 10.48 -7.53
CA GLU A 241 11.46 10.82 -8.92
C GLU A 241 10.96 9.78 -9.88
N VAL A 242 11.20 8.50 -9.58
CA VAL A 242 10.72 7.42 -10.45
C VAL A 242 9.19 7.42 -10.48
N SER A 243 8.55 7.54 -9.30
CA SER A 243 7.09 7.53 -9.20
CA SER A 243 7.10 7.48 -9.24
C SER A 243 6.47 8.69 -9.96
N ALA A 244 7.12 9.88 -9.91
CA ALA A 244 6.58 11.04 -10.62
C ALA A 244 6.60 10.76 -12.13
N GLN A 245 7.67 10.14 -12.64
CA GLN A 245 7.75 9.81 -14.07
C GLN A 245 6.63 8.84 -14.45
N MET A 246 6.41 7.83 -13.62
CA MET A 246 5.39 6.80 -13.84
C MET A 246 4.01 7.41 -13.83
N GLN A 247 3.72 8.27 -12.84
CA GLN A 247 2.41 8.94 -12.75
C GLN A 247 2.16 9.80 -13.99
N ASP A 248 3.14 10.59 -14.40
CA ASP A 248 2.98 11.45 -15.58
C ASP A 248 2.83 10.59 -16.84
N ALA A 249 3.56 9.47 -16.94
CA ALA A 249 3.45 8.58 -18.10
C ALA A 249 2.04 7.99 -18.16
N ALA A 250 1.54 7.43 -17.05
CA ALA A 250 0.22 6.83 -17.02
C ALA A 250 -0.88 7.87 -17.33
N ASN A 251 -0.80 9.06 -16.71
CA ASN A 251 -1.83 10.08 -16.91
C ASN A 251 -1.82 10.63 -18.32
N SER A 252 -0.67 10.61 -19.01
CA SER A 252 -0.62 11.06 -20.41
C SER A 252 -1.41 10.09 -21.29
N VAL A 253 -1.51 8.82 -20.90
CA VAL A 253 -2.26 7.81 -21.65
C VAL A 253 -3.76 7.91 -21.32
N TYR A 254 -4.13 7.96 -20.03
CA TYR A 254 -5.55 8.02 -19.65
C TYR A 254 -6.23 9.26 -20.16
N ALA A 255 -5.51 10.37 -20.29
CA ALA A 255 -6.11 11.62 -20.80
C ALA A 255 -6.60 11.51 -22.26
N VAL A 256 -6.10 10.51 -22.99
CA VAL A 256 -6.45 10.31 -24.38
C VAL A 256 -7.63 9.35 -24.53
N HIS A 257 -8.64 9.74 -25.30
CA HIS A 257 -9.82 8.94 -25.67
C HIS A 257 -10.39 8.01 -24.56
N GLY A 258 -10.48 8.50 -23.33
CA GLY A 258 -10.98 7.71 -22.19
C GLY A 258 -10.33 6.34 -22.07
N LEU A 259 -8.99 6.30 -22.30
CA LEU A 259 -8.25 5.04 -22.39
C LEU A 259 -8.24 4.22 -21.09
N LYS A 260 -8.65 4.76 -19.94
CA LYS A 260 -8.71 3.93 -18.72
C LYS A 260 -9.75 2.76 -18.93
N ARG A 261 -10.69 2.90 -19.88
CA ARG A 261 -11.64 1.83 -20.19
C ARG A 261 -10.92 0.62 -20.83
N TYR A 262 -9.76 0.85 -21.47
CA TYR A 262 -9.03 -0.15 -22.23
C TYR A 262 -7.80 -0.66 -21.53
N VAL A 263 -7.12 0.20 -20.76
CA VAL A 263 -5.88 -0.21 -20.12
C VAL A 263 -5.77 0.35 -18.70
N ASN A 264 -5.19 -0.45 -17.83
CA ASN A 264 -4.78 -0.06 -16.49
C ASN A 264 -3.29 -0.39 -16.45
N LEU A 265 -2.45 0.60 -16.21
CA LEU A 265 -1.00 0.38 -16.23
C LEU A 265 -0.51 -0.02 -14.86
N HIS A 266 0.32 -1.03 -14.83
CA HIS A 266 0.92 -1.51 -13.59
C HIS A 266 2.43 -1.39 -13.70
N PHE A 267 2.99 -0.42 -13.00
CA PHE A 267 4.43 -0.22 -13.02
C PHE A 267 5.09 -1.04 -11.95
N VAL A 268 6.21 -1.64 -12.28
CA VAL A 268 7.02 -2.34 -11.31
C VAL A 268 8.48 -1.89 -11.51
N LEU A 269 9.27 -1.90 -10.46
CA LEU A 269 10.68 -1.53 -10.57
C LEU A 269 11.53 -2.62 -9.95
N TYR A 270 12.51 -3.12 -10.72
CA TYR A 270 13.53 -4.07 -10.25
C TYR A 270 14.90 -3.57 -10.70
N THR A 271 15.97 -4.20 -10.24
CA THR A 271 17.30 -3.86 -10.71
C THR A 271 17.67 -4.83 -11.81
N THR A 272 18.43 -4.39 -12.81
CA THR A 272 18.92 -5.29 -13.84
C THR A 272 20.45 -5.31 -13.80
N GLU A 273 21.04 -6.43 -14.24
CA GLU A 273 22.49 -6.51 -14.39
C GLU A 273 22.96 -5.71 -15.62
N TYR A 274 22.04 -5.40 -16.55
CA TYR A 274 22.40 -4.68 -17.76
C TYR A 274 22.83 -3.25 -17.44
N ALA A 275 23.87 -2.83 -18.12
CA ALA A 275 24.31 -1.45 -18.12
C ALA A 275 24.62 -1.10 -19.57
N CYS A 276 24.28 0.11 -20.05
CA CYS A 276 24.61 0.51 -21.44
C CYS A 276 26.11 0.42 -21.67
N PRO A 277 26.53 -0.20 -22.78
CA PRO A 277 27.97 -0.37 -23.01
C PRO A 277 28.71 0.92 -23.38
N SER A 278 27.98 1.99 -23.70
CA SER A 278 28.58 3.27 -24.05
C SER A 278 27.63 4.40 -23.62
N GLY A 279 27.95 5.65 -23.95
CA GLY A 279 27.03 6.75 -23.68
C GLY A 279 25.95 6.88 -24.74
N ASN A 280 26.05 6.12 -25.86
CA ASN A 280 25.12 6.24 -26.97
C ASN A 280 23.78 5.62 -26.67
N ALA A 281 22.70 6.41 -26.78
CA ALA A 281 21.34 5.94 -26.47
C ALA A 281 20.89 4.84 -27.45
N ASP A 282 21.20 4.96 -28.75
CA ASP A 282 20.79 3.94 -29.72
C ASP A 282 21.44 2.61 -29.40
N GLU A 283 22.75 2.61 -29.16
CA GLU A 283 23.49 1.41 -28.78
CA GLU A 283 23.51 1.41 -28.79
C GLU A 283 22.97 0.84 -27.46
N GLY A 284 22.65 1.73 -26.53
CA GLY A 284 22.13 1.34 -25.23
C GLY A 284 20.80 0.64 -25.31
N LEU A 285 19.90 1.15 -26.16
CA LEU A 285 18.59 0.54 -26.33
C LEU A 285 18.72 -0.79 -27.01
N ASP A 286 19.60 -0.90 -28.02
CA ASP A 286 19.85 -2.17 -28.70
C ASP A 286 20.28 -3.23 -27.69
N GLY A 287 21.24 -2.88 -26.83
CA GLY A 287 21.73 -3.79 -25.81
C GLY A 287 20.68 -4.12 -24.77
N PHE A 288 19.84 -3.14 -24.41
CA PHE A 288 18.81 -3.36 -23.41
C PHE A 288 17.77 -4.35 -23.91
N THR A 289 17.25 -4.16 -25.12
CA THR A 289 16.25 -5.06 -25.69
C THR A 289 16.85 -6.48 -25.84
N ALA A 290 18.14 -6.56 -26.23
CA ALA A 290 18.83 -7.84 -26.33
C ALA A 290 18.96 -8.50 -24.95
N SER A 291 19.24 -7.72 -23.90
CA SER A 291 19.35 -8.26 -22.54
C SER A 291 18.01 -8.83 -22.06
N LEU A 292 16.88 -8.20 -22.43
CA LEU A 292 15.53 -8.71 -22.07
C LEU A 292 15.26 -10.07 -22.72
N LYS A 293 15.59 -10.23 -24.01
CA LYS A 293 15.39 -11.48 -24.75
C LYS A 293 16.20 -12.63 -24.15
N ALA A 294 17.38 -12.32 -23.61
CA ALA A 294 18.29 -13.30 -23.02
C ALA A 294 18.09 -13.50 -21.51
N ASN A 295 17.20 -12.74 -20.87
CA ASN A 295 17.01 -12.79 -19.42
C ASN A 295 15.98 -13.82 -19.00
N PRO A 296 16.41 -14.83 -18.22
CA PRO A 296 15.44 -15.85 -17.75
C PRO A 296 14.36 -15.27 -16.84
N LYS A 297 14.67 -14.19 -16.10
CA LYS A 297 13.68 -13.54 -15.24
C LYS A 297 12.52 -12.91 -16.05
N ALA A 298 12.76 -12.57 -17.34
CA ALA A 298 11.71 -11.96 -18.16
C ALA A 298 10.93 -12.98 -19.00
N GLU A 299 11.28 -14.27 -18.94
CA GLU A 299 10.61 -15.32 -19.71
C GLU A 299 9.11 -15.34 -19.40
N GLY A 300 8.28 -15.36 -20.44
CA GLY A 300 6.83 -15.33 -20.26
C GLY A 300 6.25 -13.92 -20.23
N TYR A 301 7.09 -12.87 -20.29
CA TYR A 301 6.60 -11.48 -20.25
C TYR A 301 7.09 -10.66 -21.44
N ASP A 302 7.23 -11.30 -22.61
CA ASP A 302 7.70 -10.62 -23.80
C ASP A 302 6.70 -9.62 -24.40
N ASP A 303 5.45 -9.65 -23.93
CA ASP A 303 4.36 -8.82 -24.41
C ASP A 303 4.05 -7.65 -23.47
N GLN A 304 4.93 -7.36 -22.51
CA GLN A 304 4.75 -6.22 -21.63
C GLN A 304 5.62 -5.04 -22.14
N ILE A 305 5.56 -3.89 -21.45
CA ILE A 305 6.33 -2.70 -21.79
C ILE A 305 7.50 -2.61 -20.81
N TYR A 306 8.68 -2.22 -21.32
CA TYR A 306 9.89 -2.17 -20.51
C TYR A 306 10.61 -0.85 -20.61
N PHE A 307 11.13 -0.36 -19.50
CA PHE A 307 11.99 0.81 -19.51
C PHE A 307 13.24 0.53 -18.74
N LEU A 308 14.42 0.86 -19.31
CA LEU A 308 15.64 0.89 -18.55
C LEU A 308 15.69 2.29 -17.97
N ILE A 309 15.83 2.45 -16.65
CA ILE A 309 15.83 3.78 -16.07
C ILE A 309 17.15 4.05 -15.38
N ARG A 310 17.50 5.32 -15.38
CA ARG A 310 18.69 5.82 -14.72
C ARG A 310 18.37 7.24 -14.20
N TRP A 311 19.29 7.82 -13.43
CA TRP A 311 19.10 9.18 -13.00
C TRP A 311 19.57 10.14 -14.09
N GLY A 312 20.73 9.85 -14.67
CA GLY A 312 21.35 10.70 -15.68
C GLY A 312 20.76 10.61 -17.08
N THR A 313 21.51 11.13 -18.05
CA THR A 313 21.07 11.15 -19.44
C THR A 313 22.11 10.42 -20.32
N TRP A 314 21.91 10.37 -21.65
CA TRP A 314 22.82 9.74 -22.59
C TRP A 314 23.59 10.83 -23.38
N ASP A 315 24.50 10.42 -24.27
CA ASP A 315 25.28 11.34 -25.10
C ASP A 315 24.39 12.29 -25.86
N ASN A 316 24.89 13.52 -26.10
CA ASN A 316 24.15 14.58 -26.81
C ASN A 316 22.91 15.00 -26.01
N ASN A 317 22.99 14.91 -24.66
CA ASN A 317 21.92 15.22 -23.70
C ASN A 317 20.60 14.59 -24.10
N ILE A 318 20.65 13.32 -24.51
CA ILE A 318 19.46 12.59 -24.87
C ILE A 318 18.82 12.12 -23.55
N LEU A 319 17.56 12.47 -23.34
CA LEU A 319 16.84 12.16 -22.11
C LEU A 319 16.27 10.74 -22.06
N GLY A 320 16.00 10.19 -23.21
CA GLY A 320 15.43 8.85 -23.32
C GLY A 320 15.35 8.43 -24.77
N ILE A 321 14.94 7.18 -24.99
CA ILE A 321 14.85 6.64 -26.34
C ILE A 321 13.92 5.44 -26.31
N SER A 322 13.25 5.14 -27.41
CA SER A 322 12.36 3.99 -27.43
C SER A 322 12.15 3.46 -28.85
N TRP A 323 11.63 2.24 -28.94
CA TRP A 323 11.27 1.65 -30.22
C TRP A 323 9.93 2.22 -30.59
N LEU A 324 9.87 2.95 -31.70
CA LEU A 324 8.64 3.59 -32.15
C LEU A 324 7.58 2.58 -32.56
N ASN A 325 6.33 2.77 -32.09
CA ASN A 325 5.16 1.97 -32.47
C ASN A 325 5.45 0.48 -32.26
N SER A 326 5.88 0.14 -31.06
CA SER A 326 6.30 -1.20 -30.69
C SER A 326 5.34 -1.91 -29.75
N TYR A 327 4.26 -1.23 -29.30
CA TYR A 327 3.28 -1.87 -28.44
C TYR A 327 1.90 -1.79 -29.06
N ASN A 328 1.25 -2.95 -29.17
CA ASN A 328 -0.14 -3.10 -29.61
C ASN A 328 -0.73 -4.22 -28.72
N VAL A 329 -1.93 -4.00 -28.14
CA VAL A 329 -2.52 -4.98 -27.21
C VAL A 329 -2.72 -6.37 -27.82
N ASN A 330 -2.87 -6.47 -29.14
CA ASN A 330 -3.11 -7.77 -29.78
C ASN A 330 -1.85 -8.46 -30.23
N THR A 331 -0.79 -7.69 -30.57
CA THR A 331 0.39 -8.29 -31.17
C THR A 331 1.66 -8.14 -30.35
N ALA A 332 1.62 -7.50 -29.16
CA ALA A 332 2.82 -7.29 -28.34
C ALA A 332 3.64 -8.58 -28.15
N SER A 333 4.93 -8.51 -28.44
CA SER A 333 5.80 -9.67 -28.35
C SER A 333 7.28 -9.28 -28.43
N ASP A 334 8.16 -10.25 -28.18
CA ASP A 334 9.60 -10.22 -28.34
C ASP A 334 10.27 -9.03 -27.67
N PHE A 335 9.68 -8.53 -26.57
CA PHE A 335 10.23 -7.40 -25.82
C PHE A 335 10.43 -6.15 -26.71
N LYS A 336 9.66 -6.04 -27.82
CA LYS A 336 9.74 -4.92 -28.74
C LYS A 336 9.38 -3.62 -28.07
N ALA A 337 8.39 -3.64 -27.15
CA ALA A 337 7.91 -2.45 -26.48
C ALA A 337 8.86 -2.07 -25.36
N SER A 338 10.04 -1.60 -25.74
CA SER A 338 11.06 -1.25 -24.77
C SER A 338 11.70 0.10 -25.10
N GLY A 339 12.14 0.74 -24.05
CA GLY A 339 12.80 2.03 -24.16
C GLY A 339 13.67 2.29 -22.96
N MET A 340 14.24 3.49 -22.91
CA MET A 340 15.08 3.92 -21.81
C MET A 340 14.65 5.32 -21.42
N SER A 341 14.77 5.66 -20.13
CA SER A 341 14.34 6.97 -19.69
C SER A 341 15.14 7.46 -18.51
N THR A 342 15.47 8.75 -18.51
CA THR A 342 15.99 9.39 -17.31
C THR A 342 14.82 9.48 -16.30
N THR A 343 15.12 9.63 -15.02
CA THR A 343 14.06 9.84 -14.03
C THR A 343 14.33 11.07 -13.18
N GLN A 344 15.36 11.89 -13.50
CA GLN A 344 15.67 13.05 -12.68
C GLN A 344 14.50 14.05 -12.67
N LEU A 345 14.30 14.68 -11.50
CA LEU A 345 13.16 15.53 -11.23
C LEU A 345 13.00 16.69 -12.20
N MET A 346 14.11 17.30 -12.62
CA MET A 346 14.06 18.49 -13.48
C MET A 346 13.55 18.24 -14.88
N TYR A 347 13.38 16.98 -15.28
CA TYR A 347 12.86 16.63 -16.59
C TYR A 347 11.58 15.79 -16.47
N PRO A 348 10.50 16.37 -15.91
CA PRO A 348 9.25 15.61 -15.83
C PRO A 348 8.71 15.28 -17.21
N GLY A 349 8.07 14.13 -17.34
CA GLY A 349 7.45 13.74 -18.59
C GLY A 349 8.31 13.00 -19.60
N VAL A 350 9.58 12.66 -19.25
CA VAL A 350 10.42 11.94 -20.22
C VAL A 350 9.86 10.54 -20.44
N MET A 351 9.54 9.82 -19.36
CA MET A 351 8.96 8.47 -19.51
C MET A 351 7.62 8.56 -20.27
N ALA A 352 6.81 9.60 -20.01
CA ALA A 352 5.55 9.82 -20.71
C ALA A 352 5.81 9.98 -22.23
N HIS A 353 6.82 10.79 -22.61
CA HIS A 353 7.20 11.03 -24.01
C HIS A 353 7.64 9.70 -24.67
N GLU A 354 8.51 8.94 -23.99
CA GLU A 354 8.99 7.67 -24.51
C GLU A 354 7.86 6.62 -24.60
N LEU A 355 6.98 6.59 -23.60
CA LEU A 355 5.81 5.71 -23.64
C LEU A 355 4.91 6.09 -24.83
N GLY A 356 4.83 7.39 -25.13
CA GLY A 356 4.08 7.88 -26.29
C GLY A 356 4.63 7.29 -27.57
N HIS A 357 5.96 7.31 -27.75
CA HIS A 357 6.60 6.72 -28.93
C HIS A 357 6.34 5.21 -29.00
N ILE A 358 6.47 4.49 -27.87
CA ILE A 358 6.22 3.04 -27.84
C ILE A 358 4.79 2.73 -28.31
N LEU A 359 3.83 3.58 -27.91
CA LEU A 359 2.44 3.43 -28.30
C LEU A 359 2.14 3.98 -29.73
N GLY A 360 3.16 4.43 -30.46
CA GLY A 360 3.04 4.87 -31.84
C GLY A 360 3.04 6.36 -32.11
N ALA A 361 3.09 7.20 -31.08
CA ALA A 361 3.08 8.64 -31.28
C ALA A 361 4.37 9.12 -31.94
N ASN A 362 4.23 9.98 -32.94
CA ASN A 362 5.36 10.61 -33.62
C ASN A 362 5.60 11.98 -32.99
N HIS A 363 6.70 12.68 -33.37
CA HIS A 363 6.90 14.04 -32.87
C HIS A 363 5.80 14.96 -33.42
N ALA A 364 5.27 15.84 -32.58
CA ALA A 364 4.19 16.75 -32.92
C ALA A 364 4.71 18.16 -33.17
N ASP A 365 3.95 18.97 -33.90
CA ASP A 365 4.35 20.32 -34.26
C ASP A 365 3.98 21.39 -33.24
N ASP A 366 3.04 21.10 -32.34
CA ASP A 366 2.64 22.07 -31.32
C ASP A 366 3.70 22.11 -30.23
N PRO A 367 4.29 23.29 -29.98
CA PRO A 367 5.33 23.38 -28.94
C PRO A 367 4.82 23.10 -27.51
N LYS A 368 3.50 23.00 -27.32
CA LYS A 368 2.92 22.65 -26.01
C LYS A 368 2.60 21.16 -25.90
N ASP A 369 2.89 20.36 -26.93
CA ASP A 369 2.60 18.95 -26.93
C ASP A 369 3.68 18.21 -26.19
N LEU A 370 3.28 17.17 -25.45
CA LEU A 370 4.21 16.22 -24.80
C LEU A 370 5.20 15.64 -25.85
N MET A 371 4.68 15.38 -27.06
CA MET A 371 5.45 14.80 -28.15
C MET A 371 6.15 15.81 -29.02
N TYR A 372 6.28 17.09 -28.59
CA TYR A 372 7.09 18.06 -29.33
C TYR A 372 8.55 17.55 -29.36
N SER A 373 9.26 17.75 -30.48
CA SER A 373 10.62 17.22 -30.62
C SER A 373 11.62 17.84 -29.64
N LYS A 374 11.26 18.97 -29.00
CA LYS A 374 12.11 19.56 -27.98
C LYS A 374 11.50 19.30 -26.62
N TYR A 375 12.35 19.19 -25.59
CA TYR A 375 11.87 18.98 -24.23
C TYR A 375 11.21 20.27 -23.75
N THR A 376 9.97 20.18 -23.26
CA THR A 376 9.25 21.38 -22.80
C THR A 376 8.75 21.33 -21.38
N GLY A 377 8.44 20.14 -20.88
CA GLY A 377 7.83 20.02 -19.57
C GLY A 377 6.31 19.91 -19.66
N TYR A 378 5.73 19.95 -20.88
CA TYR A 378 4.31 19.72 -21.08
C TYR A 378 4.06 18.22 -21.04
N LEU A 379 2.96 17.80 -20.39
CA LEU A 379 2.80 16.38 -20.09
C LEU A 379 1.63 15.71 -20.77
N PHE A 380 0.98 16.37 -21.75
CA PHE A 380 -0.17 15.75 -22.42
C PHE A 380 -0.07 15.76 -23.92
N HIS A 381 -0.61 14.71 -24.53
CA HIS A 381 -0.74 14.62 -25.97
C HIS A 381 -1.77 15.63 -26.43
N LEU A 382 -1.42 16.42 -27.44
CA LEU A 382 -2.33 17.41 -28.04
C LEU A 382 -2.67 17.04 -29.50
N SER A 383 -1.78 16.28 -30.18
CA SER A 383 -1.94 15.86 -31.56
C SER A 383 -3.06 14.84 -31.68
N GLU A 384 -4.11 15.16 -32.45
CA GLU A 384 -5.21 14.23 -32.67
C GLU A 384 -4.75 12.99 -33.42
N LYS A 385 -3.80 13.14 -34.35
CA LYS A 385 -3.21 12.02 -35.07
C LYS A 385 -2.53 11.05 -34.09
N ASN A 386 -1.72 11.59 -33.17
CA ASN A 386 -1.05 10.76 -32.17
C ASN A 386 -2.04 10.11 -31.22
N MET A 387 -3.07 10.86 -30.81
CA MET A 387 -4.07 10.33 -29.90
C MET A 387 -4.81 9.16 -30.52
N ASP A 388 -5.11 9.23 -31.82
CA ASP A 388 -5.80 8.13 -32.49
C ASP A 388 -4.87 6.93 -32.62
N ILE A 389 -3.59 7.15 -32.92
CA ILE A 389 -2.64 6.04 -33.06
C ILE A 389 -2.48 5.31 -31.72
N ILE A 390 -2.26 6.07 -30.65
CA ILE A 390 -2.07 5.50 -29.31
C ILE A 390 -3.30 4.71 -28.89
N ALA A 391 -4.49 5.30 -29.01
CA ALA A 391 -5.73 4.66 -28.58
C ALA A 391 -6.03 3.43 -29.42
N LYS A 392 -5.78 3.46 -30.73
CA LYS A 392 -6.00 2.28 -31.58
C LYS A 392 -5.06 1.13 -31.16
N ASN A 393 -3.82 1.46 -30.79
CA ASN A 393 -2.87 0.44 -30.33
C ASN A 393 -3.27 -0.18 -28.98
N LEU A 394 -4.13 0.49 -28.23
CA LEU A 394 -4.63 -0.01 -26.96
C LEU A 394 -6.06 -0.60 -27.05
N GLY A 395 -6.58 -0.81 -28.27
CA GLY A 395 -7.88 -1.45 -28.49
C GLY A 395 -9.05 -0.54 -28.75
N TRP A 396 -8.84 0.78 -28.73
CA TRP A 396 -9.92 1.73 -28.95
C TRP A 396 -10.25 1.87 -30.45
N GLU A 397 -11.52 2.14 -30.74
CA GLU A 397 -12.05 2.42 -32.08
C GLU A 397 -12.83 3.72 -32.03
N ILE A 398 -12.88 4.49 -33.14
CA ILE A 398 -13.58 5.77 -33.20
C ILE A 398 -15.05 5.65 -32.73
N ALA A 399 -15.76 4.59 -33.15
CA ALA A 399 -17.16 4.37 -32.77
C ALA A 399 -17.36 4.24 -31.24
N ASP A 400 -16.31 3.89 -30.49
CA ASP A 400 -16.41 3.79 -29.03
C ASP A 400 -16.56 5.15 -28.35
N GLY A 401 -16.14 6.23 -29.01
CA GLY A 401 -16.17 7.56 -28.43
C GLY A 401 -15.14 7.75 -27.33
N ASP A 402 -15.31 8.79 -26.53
CA ASP A 402 -14.36 9.08 -25.45
C ASP A 402 -14.92 8.72 -24.07
N PRO B 38 -4.50 -20.62 -20.63
CA PRO B 38 -4.04 -19.63 -19.65
C PRO B 38 -3.85 -20.29 -18.27
N VAL B 39 -2.59 -20.44 -17.86
CA VAL B 39 -2.24 -21.11 -16.61
C VAL B 39 -2.67 -20.28 -15.41
N THR B 40 -3.43 -20.90 -14.48
CA THR B 40 -3.86 -20.19 -13.29
C THR B 40 -2.65 -19.95 -12.39
N ALA B 41 -2.59 -18.74 -11.81
CA ALA B 41 -1.54 -18.33 -10.88
C ALA B 41 -1.54 -19.27 -9.66
N SER B 42 -0.36 -19.53 -9.08
CA SER B 42 -0.31 -20.41 -7.93
C SER B 42 0.73 -19.99 -6.90
N ILE B 43 0.51 -20.44 -5.67
CA ILE B 43 1.40 -20.22 -4.56
C ILE B 43 1.82 -21.59 -4.05
N ASP B 44 3.14 -21.85 -4.10
CA ASP B 44 3.74 -23.09 -3.65
C ASP B 44 4.07 -22.94 -2.18
N LEU B 45 3.27 -23.59 -1.32
CA LEU B 45 3.45 -23.49 0.12
C LEU B 45 4.70 -24.20 0.64
N GLN B 46 5.40 -24.99 -0.21
CA GLN B 46 6.68 -25.57 0.22
C GLN B 46 7.83 -24.55 0.08
N SER B 47 7.61 -23.41 -0.58
CA SER B 47 8.70 -22.44 -0.78
C SER B 47 8.22 -20.97 -0.76
N VAL B 48 6.98 -20.73 -0.30
CA VAL B 48 6.37 -19.40 -0.36
C VAL B 48 7.18 -18.33 0.42
N SER B 49 7.49 -17.24 -0.26
CA SER B 49 8.26 -16.15 0.30
C SER B 49 7.44 -14.86 0.30
N TYR B 50 8.03 -13.75 0.80
CA TYR B 50 7.34 -12.47 0.78
C TYR B 50 7.13 -12.03 -0.67
N THR B 51 8.15 -12.18 -1.52
CA THR B 51 8.08 -11.77 -2.92
C THR B 51 6.97 -12.54 -3.64
N ASP B 52 6.85 -13.84 -3.35
CA ASP B 52 5.79 -14.66 -3.96
C ASP B 52 4.41 -14.12 -3.65
N LEU B 53 4.14 -13.82 -2.40
CA LEU B 53 2.84 -13.35 -1.97
C LEU B 53 2.59 -11.93 -2.47
N ALA B 54 3.61 -11.05 -2.40
CA ALA B 54 3.43 -9.68 -2.86
C ALA B 54 3.15 -9.63 -4.35
N THR B 55 3.92 -10.36 -5.17
CA THR B 55 3.70 -10.28 -6.63
CA THR B 55 3.72 -10.35 -6.63
C THR B 55 2.30 -10.80 -6.98
N GLN B 56 1.82 -11.85 -6.29
CA GLN B 56 0.48 -12.36 -6.56
C GLN B 56 -0.60 -11.37 -6.08
N LEU B 57 -0.52 -10.89 -4.85
CA LEU B 57 -1.54 -9.99 -4.29
C LEU B 57 -1.54 -8.61 -4.94
N ASN B 58 -0.35 -8.11 -5.32
CA ASN B 58 -0.29 -6.83 -6.02
C ASN B 58 -0.90 -6.93 -7.45
N ASP B 59 -1.09 -8.13 -7.98
CA ASP B 59 -1.72 -8.33 -9.29
C ASP B 59 -3.27 -8.45 -9.18
N VAL B 60 -3.82 -8.45 -7.95
CA VAL B 60 -5.26 -8.55 -7.77
C VAL B 60 -5.91 -7.22 -8.18
N SER B 61 -6.71 -7.26 -9.23
CA SER B 61 -7.43 -6.08 -9.69
C SER B 61 -8.82 -6.00 -9.02
N ASP B 62 -9.64 -4.99 -9.41
CA ASP B 62 -11.02 -4.80 -8.93
C ASP B 62 -11.89 -6.02 -9.14
N PHE B 63 -11.64 -6.78 -10.19
CA PHE B 63 -12.45 -7.94 -10.52
C PHE B 63 -12.00 -9.23 -9.81
N GLY B 64 -10.90 -9.18 -9.07
CA GLY B 64 -10.43 -10.36 -8.36
C GLY B 64 -9.56 -11.25 -9.22
N LYS B 65 -8.91 -12.23 -8.59
CA LYS B 65 -7.96 -13.09 -9.28
C LYS B 65 -8.01 -14.51 -8.72
N MET B 66 -8.03 -15.53 -9.60
CA MET B 66 -7.95 -16.92 -9.13
C MET B 66 -6.51 -17.22 -8.80
N ILE B 67 -6.28 -17.80 -7.64
CA ILE B 67 -4.95 -18.22 -7.23
C ILE B 67 -5.08 -19.63 -6.65
N ILE B 68 -4.24 -20.55 -7.09
CA ILE B 68 -4.24 -21.89 -6.53
C ILE B 68 -3.21 -22.00 -5.41
N LEU B 69 -3.63 -22.40 -4.23
CA LEU B 69 -2.72 -22.67 -3.13
C LEU B 69 -2.33 -24.12 -3.24
N LYS B 70 -1.04 -24.43 -3.23
CA LYS B 70 -0.59 -25.79 -3.37
C LYS B 70 0.39 -26.18 -2.30
N ASP B 71 0.30 -27.40 -1.88
CA ASP B 71 1.28 -28.01 -0.98
C ASP B 71 1.25 -29.52 -1.22
N ASN B 72 2.15 -30.31 -0.56
CA ASN B 72 2.08 -31.77 -0.67
C ASN B 72 0.71 -32.24 -0.17
N GLY B 73 -0.02 -32.93 -1.03
CA GLY B 73 -1.34 -33.41 -0.68
C GLY B 73 -2.41 -32.37 -0.52
N PHE B 74 -2.16 -31.13 -0.98
CA PHE B 74 -3.12 -30.05 -0.80
C PHE B 74 -3.23 -29.16 -2.02
N ASN B 75 -4.45 -28.75 -2.30
CA ASN B 75 -4.75 -27.77 -3.33
C ASN B 75 -6.03 -27.02 -2.95
N ARG B 76 -6.07 -25.74 -3.27
CA ARG B 76 -7.28 -24.97 -3.09
C ARG B 76 -7.31 -23.84 -4.10
N GLN B 77 -8.31 -23.80 -4.96
CA GLN B 77 -8.48 -22.67 -5.88
C GLN B 77 -9.23 -21.59 -5.14
N VAL B 78 -8.62 -20.42 -4.98
CA VAL B 78 -9.23 -19.33 -4.23
C VAL B 78 -9.46 -18.13 -5.16
N HIS B 79 -10.62 -17.48 -5.07
CA HIS B 79 -10.85 -16.27 -5.85
C HIS B 79 -10.57 -15.11 -4.90
N VAL B 80 -9.46 -14.43 -5.13
CA VAL B 80 -8.97 -13.39 -4.23
C VAL B 80 -9.42 -12.03 -4.66
N SER B 81 -9.89 -11.24 -3.70
CA SER B 81 -10.31 -9.87 -3.94
CA SER B 81 -10.32 -9.88 -3.94
C SER B 81 -9.68 -8.93 -2.93
N MET B 82 -9.48 -7.69 -3.34
CA MET B 82 -8.99 -6.65 -2.45
C MET B 82 -10.10 -6.37 -1.44
N ASP B 83 -9.74 -6.19 -0.18
CA ASP B 83 -10.71 -5.80 0.83
C ASP B 83 -10.75 -4.27 0.77
N LYS B 84 -11.83 -3.72 0.20
CA LYS B 84 -11.97 -2.27 0.08
C LYS B 84 -12.68 -1.64 1.28
N ARG B 85 -13.08 -2.44 2.27
CA ARG B 85 -13.85 -1.94 3.41
C ARG B 85 -12.94 -1.44 4.52
N THR B 86 -11.77 -2.06 4.69
CA THR B 86 -10.89 -1.77 5.81
C THR B 86 -9.61 -1.14 5.36
N LYS B 87 -9.17 -0.16 6.12
CA LYS B 87 -7.89 0.47 5.90
C LYS B 87 -7.04 0.24 7.13
N ILE B 88 -5.73 0.07 6.94
CA ILE B 88 -4.83 -0.14 8.07
C ILE B 88 -3.53 0.59 7.85
N GLN B 89 -3.11 1.35 8.87
CA GLN B 89 -1.73 1.84 8.92
C GLN B 89 -1.14 1.37 10.25
N LEU B 90 0.10 0.86 10.21
CA LEU B 90 0.84 0.49 11.42
C LEU B 90 2.00 1.44 11.49
N ASP B 91 1.95 2.44 12.36
CA ASP B 91 3.01 3.47 12.44
C ASP B 91 3.18 4.14 11.04
N ASN B 92 2.03 4.42 10.37
CA ASN B 92 1.91 5.03 9.05
C ASN B 92 2.30 4.10 7.88
N GLU B 93 2.62 2.83 8.15
CA GLU B 93 2.92 1.87 7.09
C GLU B 93 1.59 1.26 6.63
N ASN B 94 1.29 1.37 5.34
CA ASN B 94 0.03 0.92 4.82
C ASN B 94 -0.06 -0.59 4.70
N VAL B 95 -1.15 -1.15 5.22
CA VAL B 95 -1.36 -2.59 5.20
C VAL B 95 -2.69 -2.88 4.52
N ARG B 96 -2.63 -3.70 3.48
CA ARG B 96 -3.80 -4.03 2.68
C ARG B 96 -4.28 -5.44 3.00
N LEU B 97 -5.59 -5.61 3.00
CA LEU B 97 -6.21 -6.91 3.26
C LEU B 97 -6.83 -7.48 1.99
N PHE B 98 -6.86 -8.81 1.91
CA PHE B 98 -7.43 -9.54 0.78
C PHE B 98 -8.28 -10.67 1.28
N ASN B 99 -9.35 -10.95 0.57
CA ASN B 99 -10.27 -12.01 0.93
C ASN B 99 -10.44 -13.02 -0.16
N GLY B 100 -10.75 -14.24 0.22
CA GLY B 100 -11.22 -15.22 -0.74
C GLY B 100 -12.75 -15.17 -0.70
N ARG B 101 -13.40 -16.01 -1.47
CA ARG B 101 -14.86 -16.16 -1.37
C ARG B 101 -15.16 -16.80 0.00
N ASP B 102 -16.40 -16.70 0.51
CA ASP B 102 -16.73 -17.32 1.82
C ASP B 102 -16.32 -18.80 1.88
N LYS B 103 -16.58 -19.57 0.80
CA LYS B 103 -16.27 -20.99 0.73
C LYS B 103 -14.76 -21.28 0.69
N ASP B 104 -13.93 -20.27 0.35
CA ASP B 104 -12.49 -20.47 0.27
C ASP B 104 -11.80 -20.49 1.64
N SER B 105 -12.44 -19.88 2.67
CA SER B 105 -11.91 -19.74 4.04
C SER B 105 -10.44 -19.28 4.01
N THR B 106 -10.16 -18.23 3.25
CA THR B 106 -8.80 -17.75 3.03
C THR B 106 -8.78 -16.21 3.10
N ASN B 107 -7.78 -15.67 3.78
CA ASN B 107 -7.55 -14.22 3.84
C ASN B 107 -6.07 -13.97 3.72
N PHE B 108 -5.70 -12.78 3.26
CA PHE B 108 -4.31 -12.38 3.17
C PHE B 108 -4.13 -10.99 3.77
N ILE B 109 -2.91 -10.71 4.14
CA ILE B 109 -2.48 -9.41 4.62
C ILE B 109 -1.22 -9.05 3.87
N LEU B 110 -1.10 -7.80 3.41
CA LEU B 110 0.10 -7.40 2.71
C LEU B 110 0.55 -6.01 3.14
N GLY B 111 1.75 -5.96 3.65
CA GLY B 111 2.44 -4.70 3.95
C GLY B 111 3.71 -4.65 3.10
N ASP B 112 4.43 -3.52 3.13
CA ASP B 112 5.73 -3.45 2.46
C ASP B 112 6.72 -4.44 3.13
N GLU B 113 6.57 -4.66 4.45
CA GLU B 113 7.54 -5.45 5.20
C GLU B 113 7.18 -6.89 5.41
N PHE B 114 5.91 -7.25 5.22
CA PHE B 114 5.48 -8.63 5.51
C PHE B 114 4.22 -8.95 4.74
N ALA B 115 3.95 -10.24 4.63
CA ALA B 115 2.72 -10.75 4.04
C ALA B 115 2.26 -11.95 4.84
N VAL B 116 0.95 -12.16 4.88
CA VAL B 116 0.36 -13.27 5.56
C VAL B 116 -0.67 -13.92 4.66
N LEU B 117 -0.67 -15.23 4.64
CA LEU B 117 -1.71 -16.05 4.05
C LEU B 117 -2.28 -16.83 5.20
N ARG B 118 -3.58 -16.74 5.42
CA ARG B 118 -4.22 -17.49 6.50
CA ARG B 118 -4.19 -17.54 6.47
C ARG B 118 -5.41 -18.24 5.94
N PHE B 119 -5.46 -19.56 6.15
CA PHE B 119 -6.58 -20.34 5.67
C PHE B 119 -6.92 -21.44 6.66
N TYR B 120 -8.14 -21.96 6.53
CA TYR B 120 -8.67 -22.99 7.39
CA TYR B 120 -8.75 -22.96 7.37
C TYR B 120 -8.71 -24.29 6.64
N ARG B 121 -8.20 -25.33 7.26
CA ARG B 121 -8.18 -26.65 6.62
C ARG B 121 -8.48 -27.67 7.66
N ASN B 122 -9.56 -28.42 7.46
CA ASN B 122 -10.01 -29.46 8.40
C ASN B 122 -10.17 -28.87 9.81
N GLY B 123 -10.83 -27.72 9.86
CA GLY B 123 -11.14 -27.02 11.10
C GLY B 123 -9.97 -26.34 11.80
N GLU B 124 -8.82 -26.25 11.14
CA GLU B 124 -7.64 -25.68 11.78
C GLU B 124 -7.16 -24.47 11.04
N SER B 125 -6.67 -23.46 11.77
CA SER B 125 -6.18 -22.20 11.20
CA SER B 125 -6.20 -22.23 11.15
C SER B 125 -4.70 -22.28 10.91
N ILE B 126 -4.32 -22.15 9.64
CA ILE B 126 -2.93 -22.22 9.21
C ILE B 126 -2.50 -20.88 8.64
N SER B 127 -1.42 -20.34 9.18
CA SER B 127 -0.87 -19.08 8.69
C SER B 127 0.49 -19.29 8.11
N TYR B 128 0.75 -18.64 6.99
CA TYR B 128 2.06 -18.53 6.36
C TYR B 128 2.46 -17.10 6.53
N ILE B 129 3.55 -16.86 7.25
CA ILE B 129 3.99 -15.50 7.58
C ILE B 129 5.36 -15.25 6.96
N ALA B 130 5.44 -14.26 6.08
CA ALA B 130 6.68 -14.01 5.35
C ALA B 130 7.10 -12.58 5.49
N TYR B 131 8.30 -12.32 5.97
CA TYR B 131 8.80 -10.97 6.06
C TYR B 131 9.77 -10.73 4.91
N LYS B 132 9.75 -9.50 4.38
CA LYS B 132 10.60 -9.15 3.25
CA LYS B 132 10.59 -9.13 3.26
C LYS B 132 12.10 -9.18 3.57
N GLU B 133 12.52 -8.52 4.64
CA GLU B 133 13.93 -8.42 4.99
C GLU B 133 14.43 -9.68 5.64
N ALA B 134 15.62 -10.12 5.22
CA ALA B 134 16.23 -11.35 5.77
C ALA B 134 16.40 -11.27 7.28
N GLN B 135 16.92 -10.14 7.83
CA GLN B 135 17.09 -10.01 9.28
C GLN B 135 15.77 -10.19 10.02
N MET B 136 14.69 -9.53 9.56
CA MET B 136 13.42 -9.61 10.24
C MET B 136 12.80 -10.99 10.07
N MET B 137 12.96 -11.61 8.91
CA MET B 137 12.40 -12.96 8.70
C MET B 137 13.13 -13.95 9.63
N ASN B 138 14.46 -13.79 9.78
CA ASN B 138 15.24 -14.65 10.67
CA ASN B 138 15.23 -14.64 10.67
C ASN B 138 14.77 -14.46 12.11
N GLU B 139 14.56 -13.20 12.52
CA GLU B 139 14.11 -12.86 13.87
C GLU B 139 12.71 -13.48 14.14
N ILE B 140 11.81 -13.34 13.17
CA ILE B 140 10.45 -13.87 13.25
C ILE B 140 10.48 -15.39 13.34
N ALA B 141 11.29 -16.04 12.49
CA ALA B 141 11.40 -17.50 12.50
C ALA B 141 11.90 -17.99 13.86
N GLU B 142 12.91 -17.31 14.43
CA GLU B 142 13.45 -17.69 15.74
C GLU B 142 12.42 -17.48 16.84
N PHE B 143 11.68 -16.38 16.77
CA PHE B 143 10.64 -16.02 17.73
C PHE B 143 9.54 -17.09 17.77
N TYR B 144 9.07 -17.53 16.59
CA TYR B 144 8.03 -18.55 16.53
C TYR B 144 8.56 -19.95 16.86
N ALA B 145 9.84 -20.23 16.54
CA ALA B 145 10.42 -21.54 16.83
C ALA B 145 10.72 -21.74 18.28
N ALA B 146 11.12 -20.68 19.00
CA ALA B 146 11.57 -20.76 20.40
C ALA B 146 10.63 -21.55 21.36
N PRO B 147 9.28 -21.33 21.39
CA PRO B 147 8.45 -22.11 22.33
C PRO B 147 8.51 -23.61 22.09
N PHE B 148 8.77 -24.03 20.84
CA PHE B 148 8.83 -25.46 20.51
C PHE B 148 10.17 -26.10 20.86
N LYS B 149 11.24 -25.31 20.98
CA LYS B 149 12.57 -25.86 21.23
C LYS B 149 12.69 -26.49 22.62
N LYS B 150 11.83 -26.14 23.60
CA LYS B 150 11.90 -26.84 24.89
C LYS B 150 11.07 -28.13 24.83
N THR B 151 9.87 -28.05 24.25
CA THR B 151 9.01 -29.21 24.09
C THR B 151 9.25 -29.77 22.68
N ARG B 152 10.31 -30.59 22.53
CA ARG B 152 10.63 -31.16 21.22
C ARG B 152 9.64 -32.27 20.88
N ALA B 153 8.51 -31.89 20.28
CA ALA B 153 7.48 -32.85 19.91
C ALA B 153 7.87 -33.60 18.63
N ILE B 154 7.32 -34.80 18.45
CA ILE B 154 7.60 -35.59 17.27
C ILE B 154 6.85 -35.01 16.06
N ASN B 155 5.60 -34.55 16.28
CA ASN B 155 4.75 -33.97 15.25
C ASN B 155 4.89 -32.44 15.18
N GLU B 156 6.09 -31.93 15.44
CA GLU B 156 6.32 -30.49 15.44
C GLU B 156 6.02 -29.84 14.08
N LYS B 157 6.45 -30.45 12.96
CA LYS B 157 6.29 -29.85 11.63
C LYS B 157 4.85 -29.52 11.22
N GLU B 158 3.85 -30.31 11.65
CA GLU B 158 2.46 -30.01 11.30
CA GLU B 158 2.46 -30.00 11.29
C GLU B 158 1.96 -28.76 12.07
N ALA B 159 2.57 -28.43 13.20
CA ALA B 159 2.22 -27.25 14.00
C ALA B 159 3.07 -26.04 13.60
N PHE B 160 4.37 -26.28 13.34
CA PHE B 160 5.28 -25.19 13.04
C PHE B 160 6.37 -25.66 12.09
N GLU B 161 6.64 -24.88 11.04
CA GLU B 161 7.68 -25.23 10.11
C GLU B 161 8.29 -24.01 9.48
N CYS B 162 9.62 -23.96 9.45
CA CYS B 162 10.36 -22.95 8.72
C CYS B 162 10.35 -23.35 7.28
N ILE B 163 9.95 -22.45 6.39
CA ILE B 163 9.88 -22.75 4.97
C ILE B 163 11.09 -22.16 4.28
N TYR B 164 11.73 -22.90 3.39
CA TYR B 164 12.93 -22.44 2.67
C TYR B 164 12.67 -22.42 1.16
N ASP B 165 13.45 -21.62 0.41
CA ASP B 165 13.24 -21.54 -1.05
C ASP B 165 13.69 -22.85 -1.72
N SER B 166 13.05 -23.20 -2.84
CA SER B 166 13.29 -24.45 -3.55
C SER B 166 14.65 -24.56 -4.27
N ARG B 167 15.29 -23.45 -4.69
CA ARG B 167 16.54 -23.56 -5.47
C ARG B 167 17.83 -23.53 -4.63
N THR B 168 17.96 -22.64 -3.63
CA THR B 168 19.18 -22.54 -2.82
C THR B 168 19.30 -23.73 -1.87
N GLY B 172 17.12 -24.37 1.08
CA GLY B 172 17.63 -23.02 1.34
C GLY B 172 18.37 -22.88 2.65
N LYS B 173 19.11 -21.77 2.84
CA LYS B 173 19.88 -21.56 4.07
C LYS B 173 19.06 -20.78 5.10
N TYR B 174 18.44 -19.66 4.68
CA TYR B 174 17.62 -18.87 5.60
C TYR B 174 16.14 -18.97 5.20
N PRO B 175 15.24 -19.00 6.21
CA PRO B 175 13.82 -19.18 5.89
C PRO B 175 13.22 -18.02 5.09
N VAL B 176 12.29 -18.35 4.21
CA VAL B 176 11.57 -17.34 3.43
C VAL B 176 10.16 -17.09 4.05
N SER B 177 9.69 -17.99 4.92
CA SER B 177 8.43 -17.85 5.64
C SER B 177 8.36 -18.89 6.76
N VAL B 178 7.33 -18.78 7.59
CA VAL B 178 7.04 -19.79 8.60
C VAL B 178 5.59 -20.20 8.43
N LYS B 179 5.31 -21.47 8.67
CA LYS B 179 3.97 -22.04 8.67
C LYS B 179 3.62 -22.31 10.12
N ILE B 180 2.49 -21.80 10.58
CA ILE B 180 2.04 -22.05 11.93
C ILE B 180 0.59 -22.48 11.89
N ASN B 181 0.32 -23.68 12.38
CA ASN B 181 -1.04 -24.18 12.58
C ASN B 181 -1.29 -23.94 14.06
N VAL B 182 -2.03 -22.88 14.40
CA VAL B 182 -2.27 -22.49 15.78
CA VAL B 182 -2.21 -22.52 15.80
C VAL B 182 -2.97 -23.59 16.59
N ASP B 183 -3.91 -24.30 15.96
CA ASP B 183 -4.65 -25.35 16.66
C ASP B 183 -3.72 -26.52 17.02
N LYS B 184 -2.81 -26.92 16.11
CA LYS B 184 -1.86 -27.98 16.41
C LYS B 184 -0.78 -27.49 17.39
N ALA B 185 -0.37 -26.23 17.26
CA ALA B 185 0.64 -25.62 18.13
C ALA B 185 0.16 -25.61 19.57
N LYS B 186 -1.11 -25.24 19.82
CA LYS B 186 -1.69 -25.20 21.16
C LYS B 186 -1.75 -26.59 21.80
N LYS B 187 -1.86 -27.67 21.01
CA LYS B 187 -1.86 -29.03 21.57
C LYS B 187 -0.44 -29.47 21.95
N ILE B 188 0.58 -29.00 21.24
CA ILE B 188 1.97 -29.34 21.53
C ILE B 188 2.47 -28.54 22.72
N LEU B 189 2.22 -27.23 22.72
CA LEU B 189 2.71 -26.35 23.78
C LEU B 189 1.87 -26.51 25.06
N ASN B 190 2.49 -26.31 26.24
CA ASN B 190 1.74 -26.39 27.49
C ASN B 190 1.39 -24.97 27.89
N LEU B 191 0.59 -24.30 27.05
CA LEU B 191 0.20 -22.94 27.31
C LEU B 191 -0.86 -22.90 28.39
N PRO B 192 -0.78 -21.91 29.30
CA PRO B 192 -1.84 -21.79 30.32
C PRO B 192 -3.16 -21.41 29.65
N GLU B 193 -4.29 -21.83 30.24
CA GLU B 193 -5.60 -21.54 29.66
C GLU B 193 -5.96 -20.04 29.79
N CYS B 194 -5.73 -19.30 28.71
CA CYS B 194 -6.05 -17.88 28.66
C CYS B 194 -7.53 -17.75 28.27
N ASP B 195 -8.31 -16.93 28.99
CA ASP B 195 -9.76 -16.85 28.74
C ASP B 195 -10.34 -15.39 28.79
N TYR B 196 -11.69 -15.26 28.65
CA TYR B 196 -12.46 -14.01 28.61
C TYR B 196 -13.43 -13.85 29.78
N ILE B 197 -13.31 -14.67 30.84
CA ILE B 197 -14.24 -14.73 31.98
C ILE B 197 -14.93 -13.32 32.30
N ASN B 198 -14.29 -12.37 32.99
CA ASN B 198 -14.90 -11.08 33.29
C ASN B 198 -14.20 -10.00 32.49
N ASP B 199 -14.20 -10.15 31.16
CA ASP B 199 -13.48 -9.24 30.27
C ASP B 199 -14.32 -8.04 29.79
N TYR B 200 -15.38 -7.71 30.51
CA TYR B 200 -16.21 -6.56 30.13
C TYR B 200 -16.63 -5.79 31.36
N ILE B 201 -16.56 -4.46 31.28
CA ILE B 201 -17.00 -3.63 32.38
C ILE B 201 -18.26 -2.90 31.92
N LYS B 202 -19.33 -2.96 32.74
CA LYS B 202 -20.63 -2.37 32.44
C LYS B 202 -20.68 -0.85 32.66
N THR B 203 -19.57 -0.14 32.36
CA THR B 203 -19.42 1.33 32.48
C THR B 203 -19.83 1.84 33.87
N VAL B 218 -30.71 3.54 5.11
CA VAL B 218 -29.35 3.11 4.80
C VAL B 218 -28.56 4.29 4.22
N PRO B 219 -27.39 4.62 4.81
CA PRO B 219 -26.59 5.72 4.24
C PRO B 219 -25.99 5.33 2.89
N SER B 220 -25.85 6.30 1.96
CA SER B 220 -25.26 6.00 0.65
C SER B 220 -23.75 5.72 0.78
N GLU B 221 -23.10 6.34 1.75
CA GLU B 221 -21.69 6.15 1.99
C GLU B 221 -21.51 5.62 3.40
N PRO B 222 -20.76 4.52 3.59
CA PRO B 222 -20.54 4.02 4.95
C PRO B 222 -19.80 5.05 5.79
N LYS B 223 -20.06 5.06 7.09
CA LYS B 223 -19.39 5.94 8.01
C LYS B 223 -17.99 5.38 8.29
N THR B 224 -16.97 6.22 8.24
CA THR B 224 -15.62 5.78 8.59
C THR B 224 -15.48 5.84 10.09
N VAL B 225 -15.08 4.74 10.70
CA VAL B 225 -14.84 4.71 12.13
C VAL B 225 -13.41 4.27 12.33
N TYR B 226 -12.60 5.12 12.96
CA TYR B 226 -11.22 4.76 13.24
C TYR B 226 -11.15 3.87 14.47
N VAL B 227 -10.30 2.87 14.41
CA VAL B 227 -9.96 1.99 15.51
C VAL B 227 -8.50 2.29 15.80
N ILE B 228 -8.30 3.16 16.77
CA ILE B 228 -6.98 3.66 17.13
C ILE B 228 -6.35 2.72 18.13
N CYS B 229 -5.37 1.97 17.65
CA CYS B 229 -4.64 1.00 18.46
C CYS B 229 -3.37 1.64 18.93
N LEU B 230 -3.05 1.42 20.20
CA LEU B 230 -1.90 2.04 20.81
C LEU B 230 -1.04 1.00 21.43
N ARG B 231 0.19 0.93 20.96
CA ARG B 231 1.19 0.03 21.46
C ARG B 231 1.57 0.48 22.86
N GLU B 232 1.27 -0.35 23.85
CA GLU B 232 1.55 -0.02 25.23
C GLU B 232 3.03 0.27 25.45
N ASN B 233 3.34 1.25 26.30
CA ASN B 233 4.72 1.63 26.60
C ASN B 233 5.50 0.40 27.11
N GLY B 234 6.63 0.10 26.48
CA GLY B 234 7.44 -1.05 26.85
C GLY B 234 7.03 -2.36 26.17
N SER B 235 5.98 -2.33 25.34
CA SER B 235 5.55 -3.53 24.67
C SER B 235 6.14 -3.62 23.27
N THR B 236 6.36 -4.84 22.83
CA THR B 236 6.83 -5.14 21.50
C THR B 236 5.76 -5.97 20.82
N VAL B 237 5.27 -5.51 19.69
CA VAL B 237 4.27 -6.24 18.93
C VAL B 237 4.81 -6.47 17.50
N TYR B 238 4.31 -7.50 16.82
CA TYR B 238 4.77 -7.81 15.47
C TYR B 238 3.66 -7.44 14.48
N PRO B 239 4.03 -6.81 13.35
CA PRO B 239 2.99 -6.32 12.42
C PRO B 239 2.07 -7.42 11.88
N ASN B 240 2.59 -8.63 11.60
CA ASN B 240 1.71 -9.72 11.13
C ASN B 240 0.67 -10.06 12.19
N GLU B 241 1.05 -9.98 13.48
CA GLU B 241 0.15 -10.35 14.56
C GLU B 241 -0.89 -9.29 14.78
N VAL B 242 -0.49 -8.03 14.82
CA VAL B 242 -1.43 -6.93 15.02
C VAL B 242 -2.42 -6.87 13.86
N SER B 243 -1.93 -7.00 12.62
CA SER B 243 -2.79 -6.94 11.44
CA SER B 243 -2.83 -6.89 11.47
C SER B 243 -3.78 -8.07 11.41
N ALA B 244 -3.36 -9.28 11.88
CA ALA B 244 -4.29 -10.42 11.89
C ALA B 244 -5.44 -10.15 12.86
N GLN B 245 -5.15 -9.59 14.04
CA GLN B 245 -6.21 -9.24 15.01
C GLN B 245 -7.16 -8.20 14.41
N MET B 246 -6.63 -7.19 13.71
CA MET B 246 -7.44 -6.14 13.07
C MET B 246 -8.32 -6.71 12.00
N GLN B 247 -7.75 -7.57 11.13
CA GLN B 247 -8.53 -8.18 10.05
C GLN B 247 -9.67 -9.03 10.61
N ASP B 248 -9.39 -9.85 11.62
CA ASP B 248 -10.42 -10.69 12.22
C ASP B 248 -11.49 -9.83 12.89
N ALA B 249 -11.07 -8.74 13.55
CA ALA B 249 -12.02 -7.84 14.21
C ALA B 249 -12.94 -7.19 13.16
N ALA B 250 -12.37 -6.63 12.09
CA ALA B 250 -13.18 -6.00 11.05
C ALA B 250 -14.12 -6.98 10.38
N ASN B 251 -13.62 -8.17 10.02
CA ASN B 251 -14.46 -9.17 9.34
C ASN B 251 -15.55 -9.72 10.22
N SER B 252 -15.37 -9.73 11.55
CA SER B 252 -16.43 -10.19 12.44
C SER B 252 -17.61 -9.20 12.42
N VAL B 253 -17.34 -7.91 12.15
CA VAL B 253 -18.35 -6.88 12.05
C VAL B 253 -19.04 -6.93 10.68
N TYR B 254 -18.27 -6.96 9.57
CA TYR B 254 -18.88 -6.97 8.23
C TYR B 254 -19.73 -8.18 7.97
N ALA B 255 -19.39 -9.34 8.58
CA ALA B 255 -20.19 -10.56 8.40
C ALA B 255 -21.62 -10.42 8.94
N VAL B 256 -21.86 -9.45 9.83
CA VAL B 256 -23.16 -9.25 10.44
C VAL B 256 -23.99 -8.24 9.64
N HIS B 257 -25.24 -8.59 9.32
CA HIS B 257 -26.25 -7.74 8.68
C HIS B 257 -25.74 -6.77 7.58
N GLY B 258 -24.84 -7.25 6.71
CA GLY B 258 -24.28 -6.42 5.63
C GLY B 258 -23.75 -5.09 6.12
N LEU B 259 -23.07 -5.11 7.28
CA LEU B 259 -22.65 -3.89 7.96
C LEU B 259 -21.63 -3.05 7.19
N LYS B 260 -21.00 -3.57 6.12
CA LYS B 260 -20.09 -2.73 5.31
C LYS B 260 -20.88 -1.53 4.68
N ARG B 261 -22.22 -1.63 4.56
CA ARG B 261 -23.03 -0.51 4.07
C ARG B 261 -23.05 0.67 5.07
N TYR B 262 -22.80 0.39 6.36
CA TYR B 262 -22.91 1.35 7.43
C TYR B 262 -21.58 1.81 7.95
N VAL B 263 -20.57 0.93 7.97
CA VAL B 263 -19.28 1.30 8.52
C VAL B 263 -18.13 0.73 7.68
N ASN B 264 -17.07 1.51 7.61
CA ASN B 264 -15.78 1.10 7.06
C ASN B 264 -14.79 1.39 8.19
N LEU B 265 -14.10 0.35 8.67
CA LEU B 265 -13.19 0.53 9.79
C LEU B 265 -11.80 0.90 9.30
N HIS B 266 -11.21 1.87 9.98
CA HIS B 266 -9.87 2.34 9.64
C HIS B 266 -8.99 2.15 10.86
N PHE B 267 -8.11 1.16 10.82
CA PHE B 267 -7.22 0.91 11.93
C PHE B 267 -5.95 1.71 11.79
N VAL B 268 -5.50 2.25 12.88
CA VAL B 268 -4.20 2.92 12.92
C VAL B 268 -3.45 2.42 14.15
N LEU B 269 -2.12 2.40 14.08
CA LEU B 269 -1.31 1.98 15.22
C LEU B 269 -0.27 3.03 15.52
N TYR B 270 -0.24 3.49 16.77
CA TYR B 270 0.79 4.41 17.28
C TYR B 270 1.32 3.88 18.60
N THR B 271 2.36 4.49 19.14
CA THR B 271 2.85 4.10 20.47
C THR B 271 2.24 5.05 21.48
N THR B 272 1.97 4.57 22.68
CA THR B 272 1.50 5.46 23.74
C THR B 272 2.50 5.43 24.89
N GLU B 273 2.56 6.52 25.65
CA GLU B 273 3.39 6.55 26.85
C GLU B 273 2.71 5.75 27.98
N TYR B 274 1.40 5.49 27.87
CA TYR B 274 0.67 4.75 28.88
C TYR B 274 1.14 3.31 28.97
N ALA B 275 1.28 2.87 30.20
CA ALA B 275 1.52 1.47 30.50
C ALA B 275 0.59 1.11 31.63
N CYS B 276 -0.04 -0.09 31.61
CA CYS B 276 -0.88 -0.51 32.75
C CYS B 276 -0.06 -0.50 34.02
N PRO B 277 -0.58 0.12 35.10
CA PRO B 277 0.24 0.23 36.33
C PRO B 277 0.47 -1.12 37.05
N SER B 278 -0.27 -2.15 36.68
CA SER B 278 -0.14 -3.47 37.30
C SER B 278 -0.51 -4.54 36.23
N GLY B 279 -0.61 -5.79 36.64
CA GLY B 279 -1.06 -6.84 35.74
C GLY B 279 -2.59 -6.90 35.69
N ASN B 280 -3.32 -6.12 36.52
CA ASN B 280 -4.78 -6.18 36.57
C ASN B 280 -5.42 -5.51 35.35
N ALA B 281 -6.22 -6.29 34.58
CA ALA B 281 -6.85 -5.77 33.38
C ALA B 281 -7.89 -4.68 33.70
N ASP B 282 -8.67 -4.83 34.78
CA ASP B 282 -9.67 -3.79 35.13
C ASP B 282 -8.99 -2.45 35.45
N GLU B 283 -7.95 -2.48 36.29
CA GLU B 283 -7.21 -1.27 36.63
C GLU B 283 -6.50 -0.72 35.38
N GLY B 284 -6.01 -1.61 34.53
CA GLY B 284 -5.35 -1.23 33.28
C GLY B 284 -6.26 -0.49 32.34
N LEU B 285 -7.50 -0.99 32.17
CA LEU B 285 -8.47 -0.36 31.28
C LEU B 285 -8.90 0.99 31.84
N ASP B 286 -9.09 1.09 33.18
CA ASP B 286 -9.41 2.36 33.82
C ASP B 286 -8.35 3.41 33.51
N GLY B 287 -7.09 3.02 33.69
CA GLY B 287 -5.97 3.92 33.44
C GLY B 287 -5.85 4.28 31.97
N PHE B 288 -6.13 3.32 31.08
CA PHE B 288 -6.01 3.55 29.65
C PHE B 288 -7.04 4.58 29.19
N THR B 289 -8.31 4.41 29.57
CA THR B 289 -9.37 5.35 29.18
C THR B 289 -9.06 6.74 29.76
N ALA B 290 -8.52 6.79 31.00
CA ALA B 290 -8.13 8.06 31.61
C ALA B 290 -6.97 8.70 30.83
N SER B 291 -6.00 7.90 30.34
CA SER B 291 -4.88 8.41 29.58
C SER B 291 -5.35 9.04 28.23
N LEU B 292 -6.38 8.45 27.61
CA LEU B 292 -6.96 8.99 26.37
C LEU B 292 -7.60 10.37 26.60
N LYS B 293 -8.38 10.52 27.68
CA LYS B 293 -9.03 11.78 28.04
C LYS B 293 -8.02 12.89 28.31
N ALA B 294 -6.85 12.55 28.82
CA ALA B 294 -5.79 13.50 29.16
C ALA B 294 -4.77 13.70 28.04
N ASN B 295 -4.86 12.96 26.93
CA ASN B 295 -3.89 13.03 25.86
C ASN B 295 -4.22 14.10 24.81
N PRO B 296 -3.33 15.10 24.66
CA PRO B 296 -3.58 16.16 23.66
C PRO B 296 -3.61 15.62 22.23
N LYS B 297 -2.86 14.54 21.95
CA LYS B 297 -2.86 13.93 20.62
C LYS B 297 -4.23 13.34 20.25
N ALA B 298 -5.06 12.97 21.24
CA ALA B 298 -6.38 12.39 20.97
C ALA B 298 -7.50 13.44 20.95
N GLU B 299 -7.20 14.73 21.19
CA GLU B 299 -8.22 15.76 21.21
C GLU B 299 -8.93 15.86 19.86
N GLY B 300 -10.26 15.89 19.92
CA GLY B 300 -11.07 15.90 18.71
C GLY B 300 -11.46 14.52 18.21
N TYR B 301 -10.97 13.44 18.86
CA TYR B 301 -11.27 12.07 18.44
C TYR B 301 -11.88 11.24 19.57
N ASP B 302 -12.67 11.87 20.44
CA ASP B 302 -13.29 11.17 21.57
C ASP B 302 -14.42 10.19 21.16
N ASP B 303 -14.86 10.27 19.91
CA ASP B 303 -15.93 9.46 19.36
C ASP B 303 -15.41 8.30 18.49
N GLN B 304 -14.12 7.98 18.55
CA GLN B 304 -13.56 6.85 17.81
C GLN B 304 -13.43 5.65 18.77
N ILE B 305 -12.95 4.51 18.26
CA ILE B 305 -12.74 3.31 19.05
C ILE B 305 -11.25 3.16 19.32
N TYR B 306 -10.88 2.74 20.53
CA TYR B 306 -9.51 2.65 20.95
C TYR B 306 -9.15 1.30 21.54
N PHE B 307 -7.96 0.80 21.23
CA PHE B 307 -7.45 -0.40 21.87
C PHE B 307 -6.05 -0.16 22.35
N LEU B 308 -5.76 -0.53 23.60
CA LEU B 308 -4.39 -0.61 24.07
C LEU B 308 -3.94 -2.01 23.71
N ILE B 309 -2.83 -2.18 22.99
CA ILE B 309 -2.41 -3.51 22.60
C ILE B 309 -1.04 -3.83 23.17
N ARG B 310 -0.85 -5.11 23.40
CA ARG B 310 0.40 -5.68 23.87
C ARG B 310 0.53 -7.08 23.26
N TRP B 311 1.70 -7.71 23.45
CA TRP B 311 1.87 -9.07 23.00
C TRP B 311 1.26 -10.04 24.02
N GLY B 312 1.54 -9.81 25.28
CA GLY B 312 1.12 -10.68 26.37
C GLY B 312 -0.31 -10.55 26.80
N THR B 313 -0.59 -11.10 27.97
CA THR B 313 -1.93 -11.08 28.53
C THR B 313 -1.89 -10.37 29.89
N TRP B 314 -3.03 -10.29 30.58
CA TRP B 314 -3.13 -9.67 31.89
C TRP B 314 -3.26 -10.76 32.97
N ASP B 315 -3.32 -10.37 34.26
CA ASP B 315 -3.47 -11.32 35.38
C ASP B 315 -4.69 -12.20 35.19
N ASN B 316 -4.61 -13.43 35.72
CA ASN B 316 -5.63 -14.47 35.59
C ASN B 316 -5.80 -14.87 34.11
N ASN B 317 -4.72 -14.79 33.31
CA ASN B 317 -4.68 -15.09 31.87
C ASN B 317 -5.85 -14.44 31.13
N ILE B 318 -6.09 -13.16 31.44
CA ILE B 318 -7.12 -12.40 30.76
C ILE B 318 -6.52 -11.92 29.44
N LEU B 319 -7.20 -12.24 28.33
CA LEU B 319 -6.74 -11.93 26.98
C LEU B 319 -7.01 -10.50 26.52
N GLY B 320 -8.02 -9.89 27.09
CA GLY B 320 -8.43 -8.54 26.74
C GLY B 320 -9.59 -8.10 27.61
N ILE B 321 -9.99 -6.84 27.49
CA ILE B 321 -11.07 -6.29 28.29
C ILE B 321 -11.61 -5.06 27.58
N SER B 322 -12.87 -4.73 27.78
CA SER B 322 -13.44 -3.56 27.12
C SER B 322 -14.65 -3.03 27.88
N TRP B 323 -15.03 -1.80 27.55
CA TRP B 323 -16.22 -1.18 28.12
C TRP B 323 -17.38 -1.70 27.31
N LEU B 324 -18.29 -2.43 27.95
CA LEU B 324 -19.43 -3.04 27.27
C LEU B 324 -20.40 -1.99 26.73
N ASN B 325 -20.84 -2.15 25.46
CA ASN B 325 -21.86 -1.30 24.84
C ASN B 325 -21.50 0.18 24.96
N SER B 326 -20.27 0.48 24.54
CA SER B 326 -19.69 1.81 24.67
C SER B 326 -19.56 2.56 23.33
N TYR B 327 -19.90 1.92 22.20
CA TYR B 327 -19.87 2.59 20.91
C TYR B 327 -21.25 2.54 20.23
N ASN B 328 -21.73 3.71 19.83
CA ASN B 328 -22.93 3.92 19.04
C ASN B 328 -22.60 5.05 18.06
N VAL B 329 -22.91 4.89 16.75
CA VAL B 329 -22.56 5.88 15.74
C VAL B 329 -23.13 7.29 16.01
N ASN B 330 -24.26 7.38 16.75
CA ASN B 330 -24.86 8.68 17.01
C ASN B 330 -24.40 9.31 18.30
N THR B 331 -23.99 8.50 19.31
CA THR B 331 -23.68 9.05 20.61
C THR B 331 -22.25 8.86 21.07
N ALA B 332 -21.37 8.23 20.25
CA ALA B 332 -19.98 7.99 20.65
C ALA B 332 -19.28 9.24 21.19
N SER B 333 -18.68 9.15 22.37
CA SER B 333 -18.04 10.28 23.00
C SER B 333 -17.16 9.85 24.18
N ASP B 334 -16.37 10.80 24.71
CA ASP B 334 -15.56 10.72 25.91
C ASP B 334 -14.65 9.50 25.97
N PHE B 335 -14.20 9.02 24.80
CA PHE B 335 -13.30 7.87 24.73
C PHE B 335 -13.88 6.63 25.41
N LYS B 336 -15.22 6.54 25.54
CA LYS B 336 -15.90 5.41 26.16
C LYS B 336 -15.65 4.12 25.41
N ALA B 337 -15.57 4.19 24.07
CA ALA B 337 -15.38 3.00 23.24
C ALA B 337 -13.93 2.59 23.24
N SER B 338 -13.47 2.07 24.38
CA SER B 338 -12.08 1.69 24.54
C SER B 338 -11.95 0.34 25.21
N GLY B 339 -10.87 -0.34 24.87
CA GLY B 339 -10.56 -1.64 25.42
C GLY B 339 -9.08 -1.94 25.32
N MET B 340 -8.71 -3.13 25.71
CA MET B 340 -7.34 -3.61 25.65
C MET B 340 -7.36 -5.00 25.02
N SER B 341 -6.30 -5.34 24.29
CA SER B 341 -6.27 -6.62 23.63
C SER B 341 -4.87 -7.14 23.48
N THR B 342 -4.70 -8.46 23.71
CA THR B 342 -3.47 -9.12 23.34
C THR B 342 -3.43 -9.17 21.80
N THR B 343 -2.25 -9.33 21.23
CA THR B 343 -2.15 -9.49 19.77
C THR B 343 -1.38 -10.75 19.40
N GLN B 344 -1.00 -11.61 20.37
CA GLN B 344 -0.21 -12.77 20.07
C GLN B 344 -0.96 -13.72 19.12
N LEU B 345 -0.21 -14.33 18.23
CA LEU B 345 -0.75 -15.16 17.16
C LEU B 345 -1.61 -16.32 17.65
N MET B 346 -1.26 -16.95 18.77
CA MET B 346 -1.97 -18.12 19.29
C MET B 346 -3.37 -17.83 19.83
N TYR B 347 -3.77 -16.57 19.89
CA TYR B 347 -5.10 -16.21 20.34
C TYR B 347 -5.80 -15.36 19.29
N PRO B 348 -6.06 -15.89 18.09
CA PRO B 348 -6.76 -15.09 17.09
C PRO B 348 -8.17 -14.73 17.55
N GLY B 349 -8.64 -13.55 17.16
CA GLY B 349 -10.00 -13.16 17.49
C GLY B 349 -10.21 -12.43 18.79
N VAL B 350 -9.14 -12.15 19.57
CA VAL B 350 -9.34 -11.46 20.85
C VAL B 350 -9.82 -10.03 20.59
N MET B 351 -9.16 -9.31 19.67
CA MET B 351 -9.61 -7.95 19.35
C MET B 351 -11.05 -7.98 18.79
N ALA B 352 -11.39 -9.00 17.99
CA ALA B 352 -12.74 -9.15 17.47
C ALA B 352 -13.75 -9.32 18.61
N HIS B 353 -13.43 -10.15 19.63
CA HIS B 353 -14.27 -10.41 20.79
C HIS B 353 -14.45 -9.10 21.58
N GLU B 354 -13.36 -8.37 21.84
CA GLU B 354 -13.42 -7.11 22.58
C GLU B 354 -14.18 -6.04 21.79
N LEU B 355 -13.97 -5.97 20.47
CA LEU B 355 -14.73 -5.06 19.61
C LEU B 355 -16.22 -5.41 19.66
N GLY B 356 -16.54 -6.71 19.76
CA GLY B 356 -17.91 -7.18 19.90
C GLY B 356 -18.56 -6.60 21.15
N HIS B 357 -17.86 -6.67 22.30
CA HIS B 357 -18.34 -6.09 23.55
C HIS B 357 -18.53 -4.58 23.43
N ILE B 358 -17.54 -3.86 22.84
CA ILE B 358 -17.65 -2.41 22.66
C ILE B 358 -18.92 -2.04 21.87
N LEU B 359 -19.24 -2.86 20.85
CA LEU B 359 -20.43 -2.68 20.03
C LEU B 359 -21.74 -3.20 20.69
N GLY B 360 -21.65 -3.69 21.93
CA GLY B 360 -22.80 -4.13 22.71
C GLY B 360 -23.06 -5.62 22.85
N ALA B 361 -22.24 -6.46 22.20
CA ALA B 361 -22.44 -7.91 22.28
C ALA B 361 -22.14 -8.43 23.67
N ASN B 362 -23.03 -9.27 24.19
CA ASN B 362 -22.85 -9.94 25.46
C ASN B 362 -22.22 -11.32 25.22
N HIS B 363 -21.84 -12.04 26.29
CA HIS B 363 -21.34 -13.40 26.10
C HIS B 363 -22.48 -14.29 25.60
N ALA B 364 -22.18 -15.15 24.64
CA ALA B 364 -23.16 -16.04 24.03
C ALA B 364 -23.01 -17.47 24.58
N ASP B 365 -24.06 -18.28 24.50
CA ASP B 365 -24.04 -19.64 25.04
C ASP B 365 -23.53 -20.69 24.06
N ASP B 366 -23.45 -20.37 22.75
CA ASP B 366 -22.94 -21.33 21.78
C ASP B 366 -21.44 -21.41 21.90
N PRO B 367 -20.88 -22.60 22.17
CA PRO B 367 -19.41 -22.71 22.29
C PRO B 367 -18.67 -22.41 20.99
N LYS B 368 -19.36 -22.29 19.85
CA LYS B 368 -18.72 -21.93 18.57
C LYS B 368 -18.83 -20.43 18.27
N ASP B 369 -19.42 -19.64 19.16
CA ASP B 369 -19.58 -18.22 18.96
C ASP B 369 -18.31 -17.50 19.33
N LEU B 370 -17.96 -16.46 18.58
CA LEU B 370 -16.86 -15.54 18.89
C LEU B 370 -17.03 -14.99 20.34
N MET B 371 -18.30 -14.72 20.71
CA MET B 371 -18.63 -14.16 21.99
C MET B 371 -18.88 -15.17 23.08
N TYR B 372 -18.48 -16.44 22.89
CA TYR B 372 -18.54 -17.42 23.98
C TYR B 372 -17.64 -16.93 25.14
N SER B 373 -18.06 -17.15 26.40
CA SER B 373 -17.30 -16.64 27.55
C SER B 373 -15.92 -17.28 27.70
N LYS B 374 -15.66 -18.38 27.01
CA LYS B 374 -14.34 -18.99 27.00
C LYS B 374 -13.68 -18.74 25.66
N TYR B 375 -12.35 -18.64 25.67
CA TYR B 375 -11.62 -18.46 24.43
C TYR B 375 -11.72 -19.74 23.59
N THR B 376 -12.14 -19.63 22.32
CA THR B 376 -12.28 -20.80 21.46
C THR B 376 -11.50 -20.77 20.16
N GLY B 377 -11.27 -19.58 19.62
CA GLY B 377 -10.63 -19.47 18.31
C GLY B 377 -11.65 -19.29 17.19
N TYR B 378 -12.95 -19.29 17.52
CA TYR B 378 -14.00 -19.04 16.53
C TYR B 378 -14.07 -17.52 16.33
N LEU B 379 -14.28 -17.09 15.08
CA LEU B 379 -14.12 -15.66 14.77
C LEU B 379 -15.37 -14.95 14.32
N PHE B 380 -16.55 -15.58 14.44
CA PHE B 380 -17.78 -14.93 14.00
C PHE B 380 -18.88 -14.96 15.04
N HIS B 381 -19.67 -13.89 15.03
CA HIS B 381 -20.87 -13.79 15.84
C HIS B 381 -21.89 -14.78 15.32
N LEU B 382 -22.46 -15.59 16.20
CA LEU B 382 -23.51 -16.54 15.84
C LEU B 382 -24.86 -16.15 16.49
N SER B 383 -24.80 -15.41 17.62
CA SER B 383 -25.97 -14.97 18.37
C SER B 383 -26.74 -13.90 17.60
N GLU B 384 -27.99 -14.19 17.24
CA GLU B 384 -28.84 -13.24 16.54
C GLU B 384 -29.11 -12.01 17.40
N LYS B 385 -29.24 -12.19 18.73
CA LYS B 385 -29.43 -11.10 19.66
C LYS B 385 -28.22 -10.16 19.61
N ASN B 386 -27.01 -10.72 19.65
CA ASN B 386 -25.79 -9.90 19.57
C ASN B 386 -25.66 -9.21 18.21
N MET B 387 -25.99 -9.92 17.13
CA MET B 387 -25.90 -9.37 15.80
C MET B 387 -26.83 -8.17 15.64
N ASP B 388 -28.03 -8.23 16.22
CA ASP B 388 -28.97 -7.12 16.13
C ASP B 388 -28.47 -5.95 16.97
N ILE B 389 -27.90 -6.21 18.16
CA ILE B 389 -27.39 -5.14 19.02
C ILE B 389 -26.24 -4.41 18.33
N ILE B 390 -25.28 -5.16 17.79
CA ILE B 390 -24.11 -4.60 17.13
C ILE B 390 -24.54 -3.76 15.92
N ALA B 391 -25.40 -4.32 15.06
CA ALA B 391 -25.84 -3.62 13.84
C ALA B 391 -26.66 -2.39 14.18
N LYS B 392 -27.52 -2.45 15.21
CA LYS B 392 -28.29 -1.26 15.59
C LYS B 392 -27.35 -0.14 16.09
N ASN B 393 -26.28 -0.52 16.81
CA ASN B 393 -25.31 0.47 17.30
C ASN B 393 -24.50 1.10 16.15
N LEU B 394 -24.47 0.47 14.98
CA LEU B 394 -23.80 0.99 13.82
C LEU B 394 -24.77 1.65 12.79
N GLY B 395 -26.03 1.86 13.17
CA GLY B 395 -27.01 2.55 12.32
C GLY B 395 -27.97 1.68 11.54
N TRP B 396 -27.84 0.35 11.64
CA TRP B 396 -28.72 -0.55 10.92
C TRP B 396 -30.09 -0.69 11.62
N GLU B 397 -31.12 -0.91 10.81
CA GLU B 397 -32.49 -1.18 11.23
C GLU B 397 -32.97 -2.46 10.54
N ILE B 398 -33.88 -3.22 11.19
CA ILE B 398 -34.39 -4.48 10.62
C ILE B 398 -34.96 -4.27 9.20
N ALA B 399 -35.70 -3.18 8.96
CA ALA B 399 -36.30 -2.89 7.65
C ALA B 399 -35.25 -2.74 6.53
N ASP B 400 -34.01 -2.44 6.88
CA ASP B 400 -32.94 -2.32 5.88
C ASP B 400 -32.52 -3.67 5.28
N GLY B 401 -32.80 -4.76 5.99
CA GLY B 401 -32.39 -6.09 5.54
C GLY B 401 -30.90 -6.30 5.64
N ASP B 402 -30.40 -7.35 4.96
CA ASP B 402 -28.97 -7.67 5.00
C ASP B 402 -28.25 -7.26 3.71
ZN ZN C . 10.69 11.83 -29.07
C1 7WK D . 13.43 -8.62 -14.37
C10 7WK D . 9.84 -9.67 -14.22
C12 7WK D . 6.55 -10.26 -12.86
C13 7WK D . 5.10 -9.75 -12.95
C14 7WK D . 4.11 -10.90 -12.83
C15 7WK D . 4.85 -8.96 -14.22
C2 7WK D . 13.78 -8.68 -13.08
C3 7WK D . 12.92 -9.16 -12.07
C4 7WK D . 10.81 -10.22 -11.48
O1 7WK D . 13.24 -9.26 -10.89
N 7WK D . 11.63 -9.57 -12.49
C5 7WK D . 11.16 -9.39 -13.83
O2 7WK D . 8.93 -9.97 -13.24
C11 7WK D . 7.68 -9.26 -13.23
O4 7WK D . 4.86 -8.88 -11.82
O3 7WK D . 6.84 -10.83 -11.58
C9 7WK D . 9.46 -9.56 -15.56
C8 7WK D . 10.38 -9.14 -16.50
C7 7WK D . 11.68 -8.83 -16.13
C6 7WK D . 12.08 -8.96 -14.80
O 7WK D . 14.24 -8.28 -15.42
C 7WK D . 15.61 -7.91 -15.13
CL CL E . 19.13 -8.72 -14.80
CL CL F . 19.04 17.30 -8.15
S DMS G . 1.70 20.02 -17.45
O DMS G . 1.35 19.73 -18.88
C1 DMS G . 0.21 20.56 -16.60
C2 DMS G . 2.59 21.55 -17.51
N PRO H . 6.22 24.65 -17.36
CA PRO H . 6.69 25.45 -18.50
C PRO H . 6.44 26.96 -18.30
O PRO H . 6.33 27.41 -17.13
CB PRO H . 5.90 24.88 -19.68
CG PRO H . 5.36 23.53 -19.21
CD PRO H . 5.77 23.32 -17.79
OXT PRO H . 6.38 27.70 -19.31
N PRO I . 9.85 12.74 8.84
CA PRO I . 9.11 13.15 10.04
C PRO I . 7.58 13.18 9.84
O PRO I . 6.86 13.28 10.86
CB PRO I . 9.66 14.56 10.30
CG PRO I . 11.00 14.61 9.61
CD PRO I . 11.18 13.35 8.81
OXT PRO I . 7.08 13.11 8.70
C1 PEG J . 6.02 1.15 -37.79
O1 PEG J . 4.84 0.60 -37.22
C2 PEG J . 5.84 2.60 -38.18
O2 PEG J . 5.71 3.43 -37.03
C3 PEG J . 4.60 4.30 -37.11
C4 PEG J . 4.65 5.31 -36.01
O4 PEG J . 3.35 5.71 -35.60
C1 EDO K . 0.36 10.25 12.76
O1 EDO K . -0.41 11.43 12.98
C2 EDO K . 1.52 10.18 13.78
O2 EDO K . 2.41 9.15 13.40
C1 EDO L . 22.31 -8.29 -19.03
O1 EDO L . 21.27 -8.61 -18.11
C2 EDO L . 23.66 -7.97 -18.35
O2 EDO L . 24.26 -9.16 -17.83
ZN ZN M . -15.95 -11.38 26.68
C1 7WK N . -2.24 8.97 19.77
C10 7WK N . -4.58 10.17 17.12
C12 7WK N . -5.44 10.81 13.62
C13 7WK N . -6.45 10.43 12.54
C14 7WK N . -6.83 11.64 11.70
C15 7WK N . -7.71 9.79 13.14
C2 7WK N . -1.05 9.12 19.17
C3 7WK N . -0.91 9.68 17.87
C4 7WK N . -1.94 10.77 15.97
O1 7WK N . 0.18 9.83 17.31
N 7WK N . -2.09 10.09 17.24
C5 7WK N . -3.39 9.87 17.80
O2 7WK N . -4.46 10.57 15.81
C11 7WK N . -5.21 9.85 14.82
O4 7WK N . -5.87 9.47 11.64
O3 7WK N . -4.16 11.15 13.07
C9 7WK N . -5.81 10.00 17.73
C8 7WK N . -5.88 9.50 19.01
C7 7WK N . -4.73 9.16 19.70
C6 7WK N . -3.47 9.34 19.10
O 7WK N . -2.47 8.51 21.04
C 7WK N . -1.33 8.20 21.89
CL CL O . 0.85 8.92 24.73
S DMS P . -1.04 -26.59 4.96
O DMS P . 0.32 -27.10 5.24
C1 DMS P . -2.15 -27.89 5.42
C2 DMS P . -1.20 -26.79 3.24
S DMS Q . -12.89 -19.33 12.29
O DMS Q . -14.22 -19.08 12.92
C1 DMS Q . -13.03 -19.97 10.65
C2 DMS Q . -12.31 -20.75 13.16
S DMS R . -11.10 -24.42 15.87
O DMS R . -11.98 -24.87 14.79
C1 DMS R . -11.59 -25.39 17.27
C2 DMS R . -11.79 -22.86 16.35
C1 PGE S . 7.82 -9.68 21.10
O1 PGE S . 6.62 -9.53 20.33
C2 PGE S . 7.57 -10.43 22.38
O2 PGE S . 6.65 -9.73 23.20
C3 PGE S . 7.18 -9.33 24.46
C4 PGE S . 6.82 -7.90 24.75
O4 PGE S . 3.38 -8.25 26.71
C6 PGE S . 4.54 -7.46 26.76
C5 PGE S . 4.83 -6.79 25.46
O3 PGE S . 5.43 -7.70 24.55
C1 EDO T . 12.36 -12.89 0.10
O1 EDO T . 10.99 -12.60 -0.26
C2 EDO T . 12.72 -12.37 1.52
O2 EDO T . 13.65 -13.20 2.23
C1 EDO U . -15.84 4.41 29.43
O1 EDO U . -16.89 3.57 28.98
C2 EDO U . -16.06 4.81 30.90
O2 EDO U . -14.94 5.54 31.36
C1 EDO V . -15.63 14.98 17.22
O1 EDO V . -16.58 15.63 16.40
C2 EDO V . -15.78 15.45 18.69
O2 EDO V . -14.72 14.92 19.46
C1 EDO W . -29.33 -19.27 16.50
O1 EDO W . -30.17 -19.43 15.36
C2 EDO W . -28.74 -17.84 16.51
O2 EDO W . -28.64 -17.32 17.85
#